data_4NA3
#
_entry.id   4NA3
#
_cell.length_a   77.876
_cell.length_b   113.262
_cell.length_c   96.855
_cell.angle_alpha   90.00
_cell.angle_beta   106.86
_cell.angle_gamma   90.00
#
_symmetry.space_group_name_H-M   'P 1 21 1'
#
loop_
_entity.id
_entity.type
_entity.pdbx_description
1 polymer 'Polyketide synthase PksJ'
2 non-polymer 'SULFATE ION'
3 water water
#
_entity_poly.entity_id   1
_entity_poly.type   'polypeptide(L)'
_entity_poly.pdbx_seq_one_letter_code
;GSSHHHHHHSSGLVPRGSSAADFEPVAIVGISGRFPGAMDIDEFWKNLEEGKDSITEVPKDRWDWREHYGNPDTDVNKTD
IKWGGFIDGVAEFDPLFFGISPREADYVDPQQRLLMTYVWKALEDAGCSPQSLSGTGTGIFIGTGNTGYKDLFHRANLPI
EGHAATGHMIPSVGPNRMSYFLNIHGPSEPVETA(2JG)SSSLVAIHRAVTAMQNGDCEMAIAGGVNTILTEEAHISYSK
AGMLSTDGRCKTFSADANGYVRGEGVGMVMLKKLEDAERDGNHIYGVIRGTAENHGGRANTLTSPNPKAQADLLVRAYRQ
ADIDPSTVTYIEAHGTGTELGDPIEINGLKAAFKELSNMRGESQPDVPDHRCGIGSVKSNIGHLELAAGISGLIKVLLQM
KHKTLVKSLHCETLNPYLQLTDSPFYIVQEKQEWKSVTDRDGNELPRRAGISSFGIGGVNAHIVIEEYMPKANSEHTATE
QPNVIVLSAKNKSRLIDRASQLLEVIRNKKYTDQDLHRIAYTLQVGREEMDERLACVAGTMQELEEKLQAFVDGKEETDE
FFRGQSHRNKETQTIFTADEDMALALDAWIRKRKYAKLADLWVKGVSIQWNTLYGETKPRLISLPSYPFAKDHYWVPAKG
H
;
_entity_poly.pdbx_strand_id   A,B
#
# COMPACT_ATOMS: atom_id res chain seq x y z
N ASP A 22 -15.28 19.14 3.65
CA ASP A 22 -15.13 17.97 4.51
C ASP A 22 -13.67 17.51 4.59
N PHE A 23 -12.73 18.45 4.52
CA PHE A 23 -11.32 18.12 4.65
C PHE A 23 -10.70 18.80 5.86
N GLU A 24 -10.41 18.01 6.89
CA GLU A 24 -9.71 18.50 8.05
C GLU A 24 -8.22 18.60 7.75
N PRO A 25 -7.67 19.82 7.86
CA PRO A 25 -6.23 20.04 7.64
C PRO A 25 -5.38 19.24 8.61
N VAL A 26 -4.20 18.82 8.17
CA VAL A 26 -3.31 17.98 8.97
C VAL A 26 -1.99 18.70 9.26
N ALA A 27 -1.58 18.70 10.53
CA ALA A 27 -0.35 19.36 10.93
C ALA A 27 0.83 18.39 10.99
N ILE A 28 1.98 18.86 10.51
CA ILE A 28 3.22 18.10 10.62
C ILE A 28 3.92 18.54 11.91
N VAL A 29 3.88 17.68 12.92
CA VAL A 29 4.33 18.07 14.26
C VAL A 29 5.71 17.53 14.63
N GLY A 30 6.28 16.70 13.77
CA GLY A 30 7.59 16.13 14.02
C GLY A 30 8.22 15.57 12.77
N ILE A 31 9.52 15.80 12.59
CA ILE A 31 10.24 15.28 11.44
C ILE A 31 11.58 14.67 11.84
N SER A 32 12.14 13.86 10.95
CA SER A 32 13.46 13.27 11.13
C SER A 32 13.95 12.74 9.79
N GLY A 33 15.26 12.61 9.64
CA GLY A 33 15.81 12.11 8.39
C GLY A 33 17.32 12.01 8.32
N ARG A 34 17.78 11.27 7.32
CA ARG A 34 19.20 11.18 6.99
C ARG A 34 19.33 11.06 5.48
N PHE A 35 20.15 11.93 4.89
CA PHE A 35 20.24 12.05 3.45
C PHE A 35 21.71 12.05 3.07
N PRO A 36 22.03 11.90 1.77
CA PRO A 36 23.44 11.93 1.34
C PRO A 36 24.17 13.16 1.85
N GLY A 37 25.26 12.93 2.59
CA GLY A 37 26.05 14.01 3.14
C GLY A 37 25.34 14.82 4.22
N ALA A 38 24.34 14.22 4.85
CA ALA A 38 23.56 14.90 5.87
C ALA A 38 23.14 13.94 6.98
N MET A 39 23.89 13.97 8.09
CA MET A 39 23.65 13.06 9.21
C MET A 39 22.27 13.23 9.82
N ASP A 40 21.75 14.46 9.79
CA ASP A 40 20.42 14.74 10.33
C ASP A 40 19.74 15.89 9.59
N ILE A 41 18.55 16.27 10.04
CA ILE A 41 17.78 17.34 9.43
C ILE A 41 18.54 18.68 9.49
N ASP A 42 19.23 18.92 10.60
CA ASP A 42 20.01 20.14 10.78
C ASP A 42 21.09 20.29 9.72
N GLU A 43 21.83 19.21 9.47
CA GLU A 43 22.90 19.24 8.48
C GLU A 43 22.33 19.26 7.06
N PHE A 44 21.16 18.67 6.90
CA PHE A 44 20.48 18.64 5.60
C PHE A 44 20.17 20.05 5.13
N TRP A 45 19.74 20.90 6.06
CA TRP A 45 19.44 22.29 5.74
C TRP A 45 20.72 23.09 5.47
N LYS A 46 21.76 22.78 6.22
CA LYS A 46 23.06 23.45 6.06
C LYS A 46 23.58 23.26 4.64
N ASN A 47 23.41 22.05 4.11
CA ASN A 47 23.86 21.75 2.75
C ASN A 47 22.99 22.42 1.68
N LEU A 48 21.68 22.40 1.89
CA LEU A 48 20.74 23.02 0.95
C LEU A 48 20.98 24.52 0.85
N GLU A 49 21.26 25.14 1.98
CA GLU A 49 21.50 26.58 2.04
C GLU A 49 22.83 26.95 1.38
N GLU A 50 23.77 26.03 1.42
CA GLU A 50 25.09 26.25 0.81
C GLU A 50 25.11 25.81 -0.65
N GLY A 51 24.04 25.18 -1.10
CA GLY A 51 23.96 24.65 -2.45
C GLY A 51 24.95 23.53 -2.67
N LYS A 52 25.15 22.73 -1.63
CA LYS A 52 26.12 21.63 -1.67
C LYS A 52 25.64 20.48 -2.55
N ASP A 53 26.57 19.91 -3.30
CA ASP A 53 26.33 18.70 -4.09
C ASP A 53 26.90 17.52 -3.32
N SER A 54 26.05 16.59 -2.91
CA SER A 54 26.48 15.48 -2.07
C SER A 54 26.62 14.15 -2.80
N ILE A 55 26.59 14.19 -4.13
CA ILE A 55 26.76 12.98 -4.94
C ILE A 55 28.24 12.60 -5.01
N THR A 56 28.55 11.34 -4.70
CA THR A 56 29.91 10.84 -4.79
C THR A 56 29.96 9.63 -5.72
N GLU A 57 31.12 9.02 -5.82
CA GLU A 57 31.25 7.75 -6.52
C GLU A 57 30.78 6.65 -5.58
N VAL A 58 30.48 5.48 -6.14
CA VAL A 58 29.99 4.37 -5.32
C VAL A 58 31.04 3.91 -4.33
N PRO A 59 30.71 3.95 -3.02
CA PRO A 59 31.60 3.46 -1.99
C PRO A 59 32.02 2.01 -2.23
N LYS A 60 33.24 1.69 -1.82
CA LYS A 60 33.86 0.38 -2.10
C LYS A 60 33.31 -0.75 -1.22
N ASP A 61 32.75 -0.39 -0.06
CA ASP A 61 32.17 -1.37 0.84
C ASP A 61 30.79 -1.81 0.36
N ARG A 62 30.29 -1.15 -0.67
CA ARG A 62 29.07 -1.55 -1.36
C ARG A 62 29.47 -2.48 -2.50
N TRP A 63 30.11 -1.92 -3.51
CA TRP A 63 30.69 -2.69 -4.60
C TRP A 63 31.80 -1.91 -5.30
N ASP A 64 32.49 -2.56 -6.21
CA ASP A 64 33.58 -1.95 -6.97
C ASP A 64 33.05 -1.52 -8.33
N TRP A 65 32.94 -0.21 -8.56
CA TRP A 65 32.39 0.28 -9.81
C TRP A 65 33.28 -0.02 -11.02
N ARG A 66 34.57 -0.18 -10.75
CA ARG A 66 35.52 -0.51 -11.81
C ARG A 66 35.37 -1.98 -12.23
N GLU A 67 34.93 -2.81 -11.29
CA GLU A 67 34.72 -4.23 -11.56
C GLU A 67 33.53 -4.43 -12.51
N HIS A 68 32.59 -3.50 -12.47
CA HIS A 68 31.37 -3.62 -13.26
C HIS A 68 31.26 -2.54 -14.34
N TYR A 69 32.37 -1.91 -14.69
CA TYR A 69 32.36 -0.82 -15.66
C TYR A 69 32.32 -1.34 -17.10
N GLY A 70 31.72 -0.54 -17.98
CA GLY A 70 31.64 -0.88 -19.39
C GLY A 70 30.52 -0.15 -20.10
N ASN A 71 30.23 -0.56 -21.33
CA ASN A 71 29.12 0.00 -22.09
C ASN A 71 27.86 -0.83 -21.85
N PRO A 72 26.85 -0.23 -21.18
CA PRO A 72 25.60 -0.92 -20.84
C PRO A 72 24.81 -1.36 -22.08
N ASP A 73 25.08 -0.73 -23.22
CA ASP A 73 24.36 -1.06 -24.45
C ASP A 73 24.92 -2.30 -25.14
N THR A 74 26.16 -2.65 -24.81
CA THR A 74 26.83 -3.77 -25.48
C THR A 74 27.37 -4.84 -24.54
N ASP A 75 27.88 -4.41 -23.39
CA ASP A 75 28.53 -5.34 -22.45
C ASP A 75 27.54 -6.01 -21.51
N VAL A 76 27.82 -7.26 -21.16
CA VAL A 76 26.95 -8.03 -20.27
C VAL A 76 27.21 -7.70 -18.81
N ASN A 77 26.17 -7.28 -18.10
CA ASN A 77 26.23 -6.95 -16.68
C ASN A 77 27.21 -5.83 -16.35
N LYS A 78 27.44 -4.95 -17.32
CA LYS A 78 28.31 -3.81 -17.10
C LYS A 78 27.53 -2.50 -17.20
N THR A 79 28.09 -1.45 -16.62
CA THR A 79 27.46 -0.15 -16.64
C THR A 79 28.50 0.96 -16.49
N ASP A 80 28.24 2.11 -17.09
CA ASP A 80 29.16 3.23 -17.01
C ASP A 80 28.76 4.20 -15.90
N ILE A 81 27.67 3.91 -15.20
CA ILE A 81 27.23 4.75 -14.10
C ILE A 81 27.89 4.33 -12.78
N LYS A 82 28.75 5.20 -12.26
CA LYS A 82 29.57 4.90 -11.08
C LYS A 82 29.28 5.82 -9.89
N TRP A 83 28.28 6.69 -10.04
CA TRP A 83 27.95 7.65 -8.99
C TRP A 83 26.69 7.24 -8.24
N GLY A 84 26.41 7.96 -7.15
CA GLY A 84 25.22 7.73 -6.37
C GLY A 84 25.20 8.59 -5.12
N GLY A 85 24.01 8.76 -4.54
CA GLY A 85 23.88 9.46 -3.27
C GLY A 85 23.77 8.44 -2.16
N PHE A 86 24.78 8.39 -1.30
CA PHE A 86 24.83 7.37 -0.25
C PHE A 86 24.82 7.99 1.15
N ILE A 87 24.20 7.29 2.09
CA ILE A 87 24.16 7.73 3.48
C ILE A 87 25.15 6.94 4.33
N ASP A 88 25.41 7.42 5.55
CA ASP A 88 26.31 6.75 6.47
C ASP A 88 25.54 5.90 7.47
N GLY A 89 26.14 4.77 7.86
CA GLY A 89 25.59 3.93 8.90
C GLY A 89 24.37 3.12 8.51
N VAL A 90 24.32 2.69 7.26
CA VAL A 90 23.22 1.86 6.77
C VAL A 90 23.18 0.52 7.52
N ALA A 91 24.32 0.13 8.07
CA ALA A 91 24.45 -1.14 8.78
C ALA A 91 24.33 -0.97 10.29
N GLU A 92 24.18 0.27 10.74
CA GLU A 92 24.13 0.57 12.17
C GLU A 92 22.73 0.40 12.75
N PHE A 93 22.68 -0.08 13.99
CA PHE A 93 21.40 -0.39 14.64
C PHE A 93 21.58 -0.60 16.14
N ASP A 94 20.55 -0.27 16.91
CA ASP A 94 20.54 -0.48 18.34
C ASP A 94 19.44 -1.48 18.67
N PRO A 95 19.68 -2.77 18.37
CA PRO A 95 18.64 -3.79 18.43
C PRO A 95 18.09 -4.06 19.83
N LEU A 96 18.90 -3.83 20.85
CA LEU A 96 18.46 -4.02 22.23
C LEU A 96 17.43 -2.96 22.64
N PHE A 97 17.55 -1.79 22.03
CA PHE A 97 16.60 -0.70 22.27
C PHE A 97 15.19 -1.12 21.87
N PHE A 98 15.10 -1.83 20.75
CA PHE A 98 13.81 -2.24 20.21
C PHE A 98 13.47 -3.69 20.56
N GLY A 99 14.13 -4.23 21.57
CA GLY A 99 13.83 -5.57 22.06
C GLY A 99 14.19 -6.69 21.10
N ILE A 100 15.27 -6.48 20.34
CA ILE A 100 15.73 -7.48 19.38
C ILE A 100 17.13 -7.95 19.73
N SER A 101 17.33 -9.27 19.70
CA SER A 101 18.65 -9.83 19.99
C SER A 101 19.63 -9.50 18.87
N PRO A 102 20.91 -9.33 19.22
CA PRO A 102 21.96 -9.00 18.24
C PRO A 102 22.14 -10.11 17.21
N ARG A 103 21.69 -11.31 17.55
CA ARG A 103 21.73 -12.45 16.63
C ARG A 103 20.67 -12.27 15.55
N GLU A 104 19.47 -11.89 15.96
CA GLU A 104 18.37 -11.64 15.02
C GLU A 104 18.64 -10.42 14.15
N ALA A 105 19.33 -9.44 14.71
CA ALA A 105 19.60 -8.17 14.04
C ALA A 105 20.32 -8.35 12.70
N ASP A 106 21.14 -9.39 12.61
CA ASP A 106 21.85 -9.70 11.36
C ASP A 106 20.88 -10.06 10.25
N TYR A 107 19.72 -10.58 10.62
CA TYR A 107 18.73 -11.02 9.64
C TYR A 107 17.74 -9.91 9.27
N VAL A 108 17.69 -8.86 10.09
CA VAL A 108 16.76 -7.77 9.87
C VAL A 108 17.24 -6.82 8.76
N ASP A 109 16.42 -6.66 7.74
CA ASP A 109 16.71 -5.77 6.62
C ASP A 109 16.98 -4.35 7.11
N PRO A 110 18.05 -3.72 6.59
CA PRO A 110 18.39 -2.32 6.88
C PRO A 110 17.23 -1.38 6.58
N GLN A 111 16.33 -1.78 5.69
CA GLN A 111 15.11 -1.03 5.42
C GLN A 111 14.27 -0.93 6.70
N GLN A 112 14.17 -2.04 7.41
CA GLN A 112 13.36 -2.11 8.62
C GLN A 112 14.08 -1.45 9.80
N ARG A 113 15.39 -1.63 9.87
CA ARG A 113 16.20 -1.03 10.93
C ARG A 113 16.15 0.49 10.86
N LEU A 114 16.38 1.02 9.67
CA LEU A 114 16.34 2.47 9.45
C LEU A 114 14.93 3.02 9.63
N LEU A 115 13.93 2.17 9.40
CA LEU A 115 12.54 2.55 9.60
C LEU A 115 12.27 2.83 11.07
N MET A 116 12.49 1.83 11.92
CA MET A 116 12.25 1.95 13.36
C MET A 116 13.03 3.11 13.96
N THR A 117 14.30 3.21 13.59
CA THR A 117 15.19 4.24 14.12
C THR A 117 14.65 5.64 13.89
N TYR A 118 14.23 5.94 12.66
CA TYR A 118 13.80 7.29 12.32
C TYR A 118 12.32 7.56 12.57
N VAL A 119 11.53 6.50 12.69
CA VAL A 119 10.16 6.65 13.16
C VAL A 119 10.21 7.11 14.62
N TRP A 120 11.11 6.52 15.40
CA TRP A 120 11.29 6.91 16.79
C TRP A 120 11.80 8.34 16.90
N LYS A 121 12.77 8.69 16.07
CA LYS A 121 13.35 10.03 16.07
C LYS A 121 12.29 11.09 15.78
N ALA A 122 11.38 10.76 14.87
CA ALA A 122 10.29 11.66 14.52
C ALA A 122 9.35 11.88 15.70
N LEU A 123 9.09 10.81 16.45
CA LEU A 123 8.24 10.88 17.63
C LEU A 123 8.86 11.78 18.70
N GLU A 124 10.16 11.62 18.92
CA GLU A 124 10.87 12.42 19.91
C GLU A 124 10.95 13.88 19.49
N ASP A 125 11.05 14.11 18.17
CA ASP A 125 11.08 15.47 17.65
C ASP A 125 9.77 16.17 17.95
N ALA A 126 8.66 15.47 17.73
CA ALA A 126 7.34 16.01 18.00
C ALA A 126 7.12 16.24 19.49
N GLY A 127 7.81 15.44 20.31
CA GLY A 127 7.62 15.49 21.75
C GLY A 127 6.54 14.51 22.16
N CYS A 128 6.32 13.50 21.32
CA CYS A 128 5.32 12.48 21.62
C CYS A 128 5.96 11.30 22.32
N SER A 129 5.57 11.10 23.58
CA SER A 129 6.11 10.01 24.38
C SER A 129 5.41 8.70 24.03
N PRO A 130 6.17 7.59 24.03
CA PRO A 130 5.63 6.27 23.69
C PRO A 130 4.53 5.81 24.64
N GLN A 131 4.59 6.22 25.90
CA GLN A 131 3.54 5.84 26.86
C GLN A 131 2.21 6.48 26.48
N SER A 132 2.26 7.71 25.99
CA SER A 132 1.07 8.42 25.55
C SER A 132 0.53 7.78 24.27
N LEU A 133 1.44 7.21 23.49
CA LEU A 133 1.11 6.66 22.18
C LEU A 133 0.55 5.24 22.27
N SER A 134 0.90 4.54 23.36
CA SER A 134 0.48 3.15 23.53
C SER A 134 -1.04 3.01 23.64
N GLY A 135 -1.61 2.14 22.81
CA GLY A 135 -3.04 1.90 22.82
C GLY A 135 -3.80 2.73 21.81
N THR A 136 -3.15 3.78 21.31
CA THR A 136 -3.77 4.65 20.31
C THR A 136 -3.89 3.95 18.97
N GLY A 137 -4.91 4.32 18.21
CA GLY A 137 -5.06 3.82 16.86
C GLY A 137 -4.21 4.67 15.91
N THR A 138 -2.91 4.69 16.14
CA THR A 138 -2.00 5.47 15.31
C THR A 138 -1.48 4.62 14.16
N GLY A 139 -1.60 5.13 12.94
CA GLY A 139 -1.19 4.39 11.77
C GLY A 139 0.24 4.68 11.32
N ILE A 140 0.79 3.76 10.54
CA ILE A 140 2.11 3.95 9.94
C ILE A 140 2.05 3.65 8.44
N PHE A 141 2.58 4.56 7.64
CA PHE A 141 2.62 4.37 6.20
C PHE A 141 4.00 4.74 5.66
N ILE A 142 4.78 3.74 5.28
CA ILE A 142 6.17 3.96 4.88
C ILE A 142 6.45 3.49 3.46
N GLY A 143 7.09 4.34 2.67
CA GLY A 143 7.59 3.93 1.36
C GLY A 143 8.77 3.00 1.53
N THR A 144 8.57 1.72 1.24
CA THR A 144 9.63 0.73 1.43
C THR A 144 9.47 -0.47 0.50
N GLY A 145 10.52 -1.28 0.43
CA GLY A 145 10.53 -2.47 -0.41
C GLY A 145 11.85 -3.20 -0.34
N ASN A 146 11.99 -4.24 -1.15
CA ASN A 146 13.24 -5.00 -1.21
C ASN A 146 14.33 -4.18 -1.91
N THR A 147 15.51 -4.13 -1.30
CA THR A 147 16.62 -3.37 -1.84
C THR A 147 17.85 -4.23 -2.11
N GLY A 148 17.76 -5.51 -1.74
CA GLY A 148 18.79 -6.47 -2.08
C GLY A 148 19.51 -7.13 -0.91
N TYR A 149 19.03 -6.89 0.31
CA TYR A 149 19.66 -7.47 1.49
C TYR A 149 19.57 -8.99 1.48
N LYS A 150 18.46 -9.51 0.97
CA LYS A 150 18.28 -10.94 0.83
C LYS A 150 19.25 -11.51 -0.21
N ASP A 151 19.57 -10.72 -1.21
CA ASP A 151 20.52 -11.13 -2.25
C ASP A 151 21.92 -11.29 -1.67
N LEU A 152 22.27 -10.45 -0.70
CA LEU A 152 23.58 -10.51 -0.07
C LEU A 152 23.75 -11.82 0.71
N PHE A 153 22.64 -12.34 1.23
CA PHE A 153 22.64 -13.61 1.92
C PHE A 153 23.02 -14.76 0.99
N HIS A 154 22.43 -14.76 -0.21
CA HIS A 154 22.70 -15.80 -1.20
C HIS A 154 24.12 -15.70 -1.75
N ARG A 155 24.65 -14.49 -1.85
CA ARG A 155 26.02 -14.27 -2.34
C ARG A 155 27.05 -14.85 -1.38
N ALA A 156 26.73 -14.82 -0.09
CA ALA A 156 27.64 -15.36 0.92
C ALA A 156 27.32 -16.84 1.16
N ASN A 157 26.39 -17.37 0.37
CA ASN A 157 25.93 -18.75 0.50
C ASN A 157 25.43 -19.09 1.91
N LEU A 158 24.90 -18.09 2.60
CA LEU A 158 24.36 -18.29 3.93
C LEU A 158 23.09 -19.12 3.88
N PRO A 159 22.95 -20.09 4.79
CA PRO A 159 21.80 -21.01 4.78
C PRO A 159 20.49 -20.30 5.10
N ILE A 160 19.40 -20.81 4.54
CA ILE A 160 18.07 -20.25 4.77
C ILE A 160 17.59 -20.63 6.16
N GLU A 161 17.33 -19.62 6.99
CA GLU A 161 16.88 -19.86 8.36
C GLU A 161 15.48 -19.29 8.59
N GLY A 162 14.88 -19.66 9.71
CA GLY A 162 13.55 -19.18 10.05
C GLY A 162 13.48 -17.68 10.21
N HIS A 163 14.54 -17.10 10.75
CA HIS A 163 14.62 -15.66 10.98
C HIS A 163 14.48 -14.85 9.68
N ALA A 164 14.79 -15.48 8.55
CA ALA A 164 14.73 -14.80 7.25
C ALA A 164 13.32 -14.35 6.88
N ALA A 165 12.33 -15.11 7.33
CA ALA A 165 10.92 -14.85 7.00
C ALA A 165 10.47 -13.44 7.40
N THR A 166 10.64 -13.09 8.66
CA THR A 166 10.27 -11.76 9.14
C THR A 166 11.45 -10.81 9.03
N GLY A 167 12.64 -11.36 8.84
CA GLY A 167 13.86 -10.57 8.78
C GLY A 167 13.98 -9.74 7.51
N HIS A 168 13.89 -10.40 6.35
CA HIS A 168 14.12 -9.71 5.08
C HIS A 168 13.38 -10.32 3.89
N MET A 169 12.31 -11.07 4.14
CA MET A 169 11.55 -11.68 3.05
C MET A 169 10.21 -10.98 2.81
N ILE A 170 9.66 -10.36 3.86
CA ILE A 170 8.37 -9.69 3.77
C ILE A 170 8.46 -8.24 4.20
N PRO A 171 8.44 -7.31 3.23
CA PRO A 171 8.61 -5.87 3.46
C PRO A 171 7.66 -5.25 4.48
N SER A 172 6.41 -5.72 4.52
CA SER A 172 5.41 -5.14 5.42
C SER A 172 5.76 -5.31 6.89
N VAL A 173 6.60 -6.29 7.19
CA VAL A 173 7.06 -6.52 8.56
C VAL A 173 7.78 -5.28 9.10
N GLY A 174 8.40 -4.53 8.20
CA GLY A 174 9.05 -3.27 8.55
C GLY A 174 8.18 -2.33 9.35
N PRO A 175 7.09 -1.83 8.74
CA PRO A 175 6.12 -1.00 9.46
C PRO A 175 5.42 -1.77 10.57
N ASN A 176 5.02 -3.01 10.31
CA ASN A 176 4.31 -3.83 11.29
C ASN A 176 5.09 -4.03 12.58
N ARG A 177 6.41 -4.14 12.47
CA ARG A 177 7.27 -4.34 13.64
C ARG A 177 7.24 -3.11 14.53
N MET A 178 7.26 -1.93 13.92
CA MET A 178 7.26 -0.68 14.66
C MET A 178 5.90 -0.44 15.33
N SER A 179 4.84 -0.88 14.67
CA SER A 179 3.50 -0.83 15.26
C SER A 179 3.42 -1.75 16.46
N TYR A 180 4.02 -2.93 16.32
CA TYR A 180 4.12 -3.89 17.41
C TYR A 180 4.87 -3.26 18.59
N PHE A 181 6.00 -2.65 18.29
CA PHE A 181 6.86 -2.06 19.31
C PHE A 181 6.20 -0.88 20.03
N LEU A 182 5.43 -0.09 19.29
CA LEU A 182 4.80 1.11 19.85
C LEU A 182 3.41 0.83 20.41
N ASN A 183 2.93 -0.39 20.22
CA ASN A 183 1.58 -0.79 20.64
C ASN A 183 0.49 0.11 20.05
N ILE A 184 0.60 0.43 18.77
CA ILE A 184 -0.39 1.24 18.09
C ILE A 184 -1.27 0.39 17.17
N HIS A 185 -2.53 0.76 17.05
CA HIS A 185 -3.52 -0.11 16.40
C HIS A 185 -4.09 0.43 15.09
N GLY A 186 -3.46 1.48 14.55
CA GLY A 186 -3.87 2.00 13.26
C GLY A 186 -3.41 1.10 12.14
N PRO A 187 -3.73 1.46 10.88
CA PRO A 187 -3.22 0.69 9.74
C PRO A 187 -1.69 0.77 9.69
N SER A 188 -1.05 -0.36 9.43
CA SER A 188 0.40 -0.41 9.38
C SER A 188 0.83 -1.01 8.04
N GLU A 189 1.13 -0.14 7.08
CA GLU A 189 1.33 -0.59 5.70
C GLU A 189 2.63 -0.08 5.07
N PRO A 190 3.22 -0.91 4.20
CA PRO A 190 4.30 -0.45 3.31
C PRO A 190 3.67 0.16 2.06
N VAL A 191 4.14 1.33 1.66
CA VAL A 191 3.65 1.96 0.45
C VAL A 191 4.69 1.82 -0.65
N GLU A 192 4.29 1.22 -1.77
CA GLU A 192 5.24 1.03 -2.86
C GLU A 192 4.60 1.31 -4.22
N THR A 193 4.91 2.48 -4.76
CA THR A 193 4.45 2.89 -6.08
C THR A 193 5.62 3.46 -6.84
N ALA A 194 6.77 2.81 -6.68
CA ALA A 194 8.06 3.30 -7.18
C ALA A 194 8.42 4.67 -6.60
N SER A 196 7.18 7.46 -6.20
CA SER A 196 6.19 8.32 -5.56
C SER A 196 5.75 7.75 -4.22
N SER A 197 6.36 6.63 -3.84
CA SER A 197 5.99 5.87 -2.64
C SER A 197 5.81 6.73 -1.37
N SER A 198 6.83 7.51 -1.04
CA SER A 198 6.80 8.30 0.19
C SER A 198 5.76 9.41 0.18
N LEU A 199 5.46 9.96 -1.00
CA LEU A 199 4.45 11.01 -1.08
C LEU A 199 3.05 10.43 -1.17
N VAL A 200 2.94 9.24 -1.76
CA VAL A 200 1.68 8.51 -1.74
C VAL A 200 1.38 8.09 -0.31
N ALA A 201 2.44 7.86 0.46
CA ALA A 201 2.31 7.52 1.87
C ALA A 201 1.70 8.67 2.67
N ILE A 202 2.14 9.89 2.38
CA ILE A 202 1.56 11.08 2.99
C ILE A 202 0.08 11.15 2.65
N HIS A 203 -0.24 10.89 1.39
CA HIS A 203 -1.61 10.92 0.91
C HIS A 203 -2.46 9.83 1.57
N ARG A 204 -1.92 8.62 1.63
CA ARG A 204 -2.59 7.49 2.24
C ARG A 204 -2.82 7.73 3.73
N ALA A 205 -1.86 8.40 4.38
CA ALA A 205 -1.94 8.71 5.79
C ALA A 205 -3.00 9.77 6.08
N VAL A 206 -2.90 10.88 5.37
CA VAL A 206 -3.85 11.98 5.51
C VAL A 206 -5.28 11.50 5.23
N THR A 207 -5.43 10.69 4.18
CA THR A 207 -6.72 10.09 3.84
C THR A 207 -7.25 9.23 4.99
N ALA A 208 -6.35 8.46 5.61
CA ALA A 208 -6.73 7.60 6.73
C ALA A 208 -7.15 8.39 7.96
N MET A 209 -6.67 9.63 8.06
CA MET A 209 -6.98 10.48 9.21
C MET A 209 -8.31 11.22 9.04
N GLN A 210 -8.94 11.05 7.88
CA GLN A 210 -10.23 11.68 7.60
C GLN A 210 -11.39 10.71 7.85
N ASN A 211 -11.19 9.45 7.48
CA ASN A 211 -12.24 8.45 7.62
C ASN A 211 -12.14 7.65 8.93
N GLY A 212 -11.32 8.13 9.86
CA GLY A 212 -11.23 7.54 11.18
C GLY A 212 -10.54 6.18 11.24
N ASP A 213 -9.79 5.83 10.21
CA ASP A 213 -8.96 4.63 10.25
C ASP A 213 -7.88 4.83 11.31
N CYS A 214 -7.51 6.08 11.53
CA CYS A 214 -6.57 6.46 12.57
C CYS A 214 -6.78 7.92 12.99
N GLU A 215 -6.17 8.31 14.11
CA GLU A 215 -6.27 9.68 14.60
C GLU A 215 -4.99 10.44 14.30
N MET A 216 -3.86 9.74 14.43
CA MET A 216 -2.56 10.30 14.11
C MET A 216 -1.85 9.32 13.19
N ALA A 217 -0.77 9.76 12.57
CA ALA A 217 -0.06 8.90 11.62
C ALA A 217 1.42 9.22 11.51
N ILE A 218 2.20 8.21 11.15
CA ILE A 218 3.60 8.39 10.83
C ILE A 218 3.81 7.98 9.38
N ALA A 219 4.18 8.95 8.55
CA ALA A 219 4.42 8.69 7.13
C ALA A 219 5.88 8.97 6.79
N GLY A 220 6.37 8.32 5.74
CA GLY A 220 7.73 8.52 5.30
C GLY A 220 8.20 7.51 4.28
N GLY A 221 9.51 7.43 4.09
CA GLY A 221 10.10 6.51 3.15
C GLY A 221 11.52 6.12 3.54
N VAL A 222 11.96 4.96 3.05
CA VAL A 222 13.32 4.49 3.28
C VAL A 222 13.88 3.91 2.00
N ASN A 223 15.06 4.36 1.59
CA ASN A 223 15.68 3.85 0.38
C ASN A 223 17.15 3.51 0.57
N THR A 224 17.49 2.24 0.35
CA THR A 224 18.88 1.80 0.45
C THR A 224 19.35 1.16 -0.86
N ILE A 225 20.61 1.39 -1.18
CA ILE A 225 21.23 0.81 -2.37
C ILE A 225 22.30 -0.17 -1.92
N LEU A 226 21.96 -1.46 -1.94
CA LEU A 226 22.80 -2.48 -1.29
C LEU A 226 23.60 -3.33 -2.27
N THR A 227 23.09 -3.50 -3.49
CA THR A 227 23.83 -4.22 -4.52
C THR A 227 23.94 -3.37 -5.79
N GLU A 228 24.69 -3.87 -6.76
CA GLU A 228 24.92 -3.14 -8.00
C GLU A 228 23.88 -3.48 -9.07
N GLU A 229 23.03 -4.46 -8.77
CA GLU A 229 22.04 -4.97 -9.72
C GLU A 229 21.12 -3.88 -10.29
N ALA A 230 20.53 -3.08 -9.42
CA ALA A 230 19.62 -2.03 -9.84
C ALA A 230 20.32 -0.96 -10.67
N HIS A 231 21.55 -0.63 -10.28
CA HIS A 231 22.36 0.32 -11.03
C HIS A 231 22.53 -0.14 -12.47
N ILE A 232 22.79 -1.44 -12.64
CA ILE A 232 22.97 -2.02 -13.96
C ILE A 232 21.67 -2.03 -14.77
N SER A 233 20.63 -2.64 -14.20
CA SER A 233 19.34 -2.76 -14.88
C SER A 233 18.72 -1.41 -15.24
N TYR A 234 18.77 -0.47 -14.32
CA TYR A 234 18.21 0.86 -14.56
C TYR A 234 19.02 1.61 -15.62
N SER A 235 20.34 1.38 -15.61
CA SER A 235 21.23 2.00 -16.58
C SER A 235 20.93 1.51 -17.99
N LYS A 236 20.67 0.22 -18.11
CA LYS A 236 20.38 -0.38 -19.41
C LYS A 236 18.96 -0.05 -19.86
N ALA A 237 18.15 0.40 -18.92
CA ALA A 237 16.79 0.85 -19.24
C ALA A 237 16.80 2.32 -19.65
N GLY A 238 17.96 2.95 -19.56
CA GLY A 238 18.13 4.32 -20.00
C GLY A 238 17.63 5.35 -19.00
N MET A 239 17.52 4.95 -17.73
CA MET A 239 16.95 5.80 -16.69
C MET A 239 17.95 6.76 -16.05
N LEU A 240 19.23 6.41 -16.09
CA LEU A 240 20.23 7.10 -15.29
C LEU A 240 21.19 8.00 -16.08
N SER A 241 21.70 9.03 -15.42
CA SER A 241 22.62 9.98 -16.05
C SER A 241 24.06 9.46 -16.09
N THR A 242 24.68 9.56 -17.26
CA THR A 242 26.07 9.15 -17.42
C THR A 242 27.03 10.19 -16.86
N ASP A 243 26.47 11.25 -16.28
CA ASP A 243 27.27 12.28 -15.63
C ASP A 243 27.10 12.20 -14.12
N GLY A 244 26.11 11.42 -13.69
CA GLY A 244 25.88 11.20 -12.27
C GLY A 244 25.26 12.38 -11.54
N ARG A 245 24.53 13.21 -12.28
CA ARG A 245 23.89 14.38 -11.68
C ARG A 245 22.47 14.58 -12.19
N CYS A 246 21.53 14.76 -11.26
CA CYS A 246 20.19 15.20 -11.61
C CYS A 246 20.26 16.67 -12.00
N LYS A 247 20.49 16.91 -13.29
CA LYS A 247 20.57 18.28 -13.79
C LYS A 247 19.19 18.80 -14.16
N THR A 248 18.31 18.83 -13.17
CA THR A 248 16.93 19.26 -13.33
C THR A 248 16.84 20.66 -13.93
N PHE A 249 15.86 20.86 -14.82
CA PHE A 249 15.61 22.15 -15.47
C PHE A 249 16.70 22.56 -16.47
N SER A 250 17.80 21.81 -16.51
CA SER A 250 18.91 22.15 -17.38
C SER A 250 18.76 21.59 -18.79
N ALA A 251 19.44 22.20 -19.74
CA ALA A 251 19.44 21.75 -21.12
C ALA A 251 20.34 20.53 -21.27
N ASP A 252 21.13 20.24 -20.25
CA ASP A 252 22.04 19.10 -20.27
C ASP A 252 21.40 17.85 -19.67
N ALA A 253 20.14 17.96 -19.25
CA ALA A 253 19.43 16.88 -18.58
C ALA A 253 19.45 15.56 -19.38
N ASN A 254 19.92 14.50 -18.74
CA ASN A 254 20.10 13.22 -19.42
C ASN A 254 19.79 12.00 -18.55
N GLY A 255 19.06 12.21 -17.46
CA GLY A 255 18.73 11.13 -16.56
C GLY A 255 18.98 11.49 -15.11
N TYR A 256 18.78 10.54 -14.20
CA TYR A 256 18.96 10.82 -12.79
C TYR A 256 20.09 10.01 -12.13
N VAL A 257 20.43 10.39 -10.91
CA VAL A 257 21.44 9.66 -10.14
C VAL A 257 20.77 9.05 -8.90
N ARG A 258 21.05 7.77 -8.66
CA ARG A 258 20.42 7.04 -7.57
C ARG A 258 20.87 7.53 -6.21
N GLY A 259 19.94 7.62 -5.28
CA GLY A 259 20.23 8.12 -3.94
C GLY A 259 19.71 7.24 -2.82
N GLU A 260 20.36 7.35 -1.66
CA GLU A 260 19.92 6.65 -0.46
C GLU A 260 19.35 7.65 0.52
N GLY A 261 18.51 7.17 1.44
CA GLY A 261 17.99 8.05 2.48
C GLY A 261 16.74 7.57 3.18
N VAL A 262 16.46 8.20 4.32
CA VAL A 262 15.26 7.90 5.10
C VAL A 262 14.67 9.20 5.61
N GLY A 263 13.35 9.32 5.52
CA GLY A 263 12.66 10.52 5.99
C GLY A 263 11.37 10.15 6.71
N MET A 264 11.07 10.88 7.78
CA MET A 264 9.87 10.60 8.56
C MET A 264 9.15 11.89 8.97
N VAL A 265 7.83 11.83 9.02
CA VAL A 265 7.02 12.93 9.54
C VAL A 265 5.91 12.38 10.43
N MET A 266 5.62 13.09 11.52
CA MET A 266 4.46 12.74 12.35
C MET A 266 3.31 13.68 12.04
N LEU A 267 2.13 13.12 11.84
CA LEU A 267 0.98 13.90 11.44
C LEU A 267 -0.12 13.88 12.49
N LYS A 268 -0.65 15.06 12.80
CA LYS A 268 -1.82 15.19 13.66
C LYS A 268 -2.83 16.13 13.02
N LYS A 269 -4.09 15.98 13.38
CA LYS A 269 -5.11 16.94 12.95
C LYS A 269 -4.75 18.29 13.55
N LEU A 270 -4.84 19.34 12.74
CA LEU A 270 -4.48 20.69 13.17
C LEU A 270 -5.21 21.11 14.43
N GLU A 271 -6.48 20.70 14.54
CA GLU A 271 -7.30 20.94 15.70
C GLU A 271 -6.59 20.50 16.98
N ASP A 272 -6.14 19.25 16.99
CA ASP A 272 -5.49 18.69 18.17
C ASP A 272 -4.09 19.26 18.38
N ALA A 273 -3.39 19.52 17.28
CA ALA A 273 -2.01 20.03 17.35
C ALA A 273 -1.93 21.38 18.06
N GLU A 274 -2.88 22.26 17.77
CA GLU A 274 -2.93 23.56 18.43
C GLU A 274 -3.40 23.42 19.87
N ARG A 275 -4.35 22.52 20.10
CA ARG A 275 -4.91 22.29 21.42
C ARG A 275 -3.89 21.62 22.35
N ASP A 276 -3.15 20.65 21.83
CA ASP A 276 -2.24 19.86 22.65
C ASP A 276 -0.87 20.52 22.86
N GLY A 277 -0.63 21.63 22.18
CA GLY A 277 0.60 22.39 22.37
C GLY A 277 1.77 21.92 21.53
N ASN A 278 1.49 21.20 20.45
CA ASN A 278 2.53 20.76 19.53
C ASN A 278 3.24 21.94 18.87
N HIS A 279 4.48 21.71 18.44
CA HIS A 279 5.15 22.66 17.57
C HIS A 279 4.95 22.19 16.14
N ILE A 280 4.58 23.10 15.26
CA ILE A 280 4.14 22.73 13.92
C ILE A 280 5.08 23.22 12.81
N TYR A 281 5.44 22.31 11.92
CA TYR A 281 6.34 22.63 10.80
C TYR A 281 5.59 23.22 9.63
N GLY A 282 4.33 22.80 9.48
CA GLY A 282 3.50 23.24 8.38
C GLY A 282 2.18 22.48 8.36
N VAL A 283 1.23 22.97 7.57
CA VAL A 283 -0.08 22.36 7.50
C VAL A 283 -0.36 21.80 6.11
N ILE A 284 -0.87 20.57 6.07
CA ILE A 284 -1.28 19.96 4.81
C ILE A 284 -2.72 20.36 4.48
N ARG A 285 -2.88 21.20 3.46
CA ARG A 285 -4.18 21.71 3.08
C ARG A 285 -4.89 20.84 2.05
N GLY A 286 -4.14 19.97 1.39
CA GLY A 286 -4.71 19.10 0.38
C GLY A 286 -3.73 18.11 -0.22
N THR A 287 -4.23 16.93 -0.56
CA THR A 287 -3.42 15.89 -1.19
C THR A 287 -4.16 15.29 -2.39
N ALA A 288 -3.43 14.57 -3.23
CA ALA A 288 -4.02 13.89 -4.38
C ALA A 288 -3.13 12.79 -4.92
N GLU A 289 -3.75 11.73 -5.44
CA GLU A 289 -3.04 10.63 -6.06
C GLU A 289 -3.83 10.12 -7.26
N ASN A 290 -3.15 9.93 -8.39
CA ASN A 290 -3.79 9.33 -9.55
C ASN A 290 -2.86 8.45 -10.38
N HIS A 291 -3.36 7.95 -11.50
CA HIS A 291 -2.51 7.24 -12.45
C HIS A 291 -2.59 7.89 -13.83
N GLY A 292 -1.46 7.91 -14.53
CA GLY A 292 -1.38 8.59 -15.82
C GLY A 292 -2.17 7.93 -16.94
N GLY A 293 -2.61 6.71 -16.71
CA GLY A 293 -3.34 5.96 -17.72
C GLY A 293 -2.44 5.64 -18.91
N ARG A 294 -3.02 5.67 -20.11
CA ARG A 294 -2.26 5.40 -21.32
C ARG A 294 -1.41 6.60 -21.71
N ALA A 295 -0.09 6.42 -21.72
CA ALA A 295 0.83 7.41 -22.26
C ALA A 295 1.53 6.80 -23.46
N ASN A 296 2.50 7.52 -24.01
CA ASN A 296 3.26 7.01 -25.16
C ASN A 296 3.92 5.67 -24.87
N THR A 297 4.55 5.57 -23.71
CA THR A 297 5.08 4.30 -23.22
C THR A 297 4.67 4.10 -21.76
N LEU A 298 4.96 2.92 -21.23
CA LEU A 298 4.64 2.59 -19.85
C LEU A 298 5.35 3.54 -18.89
N THR A 299 6.56 3.95 -19.23
CA THR A 299 7.37 4.81 -18.38
C THR A 299 7.39 6.26 -18.84
N SER A 300 6.41 6.66 -19.64
CA SER A 300 6.28 8.05 -20.06
C SER A 300 5.26 8.79 -19.22
N PRO A 301 5.64 9.95 -18.68
CA PRO A 301 4.70 10.78 -17.91
C PRO A 301 3.60 11.37 -18.77
N ASN A 302 2.48 11.72 -18.14
CA ASN A 302 1.32 12.28 -18.83
C ASN A 302 1.02 13.67 -18.29
N PRO A 303 1.25 14.70 -19.11
CA PRO A 303 1.05 16.08 -18.64
C PRO A 303 -0.42 16.41 -18.38
N LYS A 304 -1.32 15.68 -19.04
CA LYS A 304 -2.74 15.87 -18.78
C LYS A 304 -3.10 15.30 -17.43
N ALA A 305 -2.49 14.17 -17.09
CA ALA A 305 -2.75 13.50 -15.82
C ALA A 305 -2.09 14.24 -14.65
N GLN A 306 -0.91 14.79 -14.90
CA GLN A 306 -0.22 15.60 -13.90
C GLN A 306 -1.00 16.87 -13.64
N ALA A 307 -1.65 17.39 -14.68
CA ALA A 307 -2.46 18.59 -14.57
C ALA A 307 -3.72 18.34 -13.73
N ASP A 308 -4.47 17.31 -14.10
CA ASP A 308 -5.69 16.94 -13.38
C ASP A 308 -5.42 16.65 -11.91
N LEU A 309 -4.24 16.06 -11.64
CA LEU A 309 -3.83 15.75 -10.27
C LEU A 309 -3.69 17.02 -9.44
N LEU A 310 -2.93 17.97 -9.98
CA LEU A 310 -2.69 19.26 -9.33
C LEU A 310 -4.00 20.01 -9.09
N VAL A 311 -4.88 19.96 -10.08
CA VAL A 311 -6.18 20.65 -9.99
C VAL A 311 -7.02 20.11 -8.82
N ARG A 312 -7.08 18.78 -8.69
CA ARG A 312 -7.81 18.15 -7.62
C ARG A 312 -7.26 18.55 -6.25
N ALA A 313 -5.94 18.62 -6.16
CA ALA A 313 -5.27 18.96 -4.91
C ALA A 313 -5.59 20.37 -4.44
N TYR A 314 -5.46 21.34 -5.34
CA TYR A 314 -5.66 22.73 -4.97
C TYR A 314 -7.13 23.11 -4.83
N ARG A 315 -7.99 22.34 -5.48
CA ARG A 315 -9.43 22.49 -5.28
C ARG A 315 -9.77 22.07 -3.86
N GLN A 316 -9.17 20.97 -3.42
CA GLN A 316 -9.37 20.45 -2.08
C GLN A 316 -8.83 21.41 -1.03
N ALA A 317 -7.66 21.99 -1.31
CA ALA A 317 -7.06 22.98 -0.41
C ALA A 317 -7.91 24.24 -0.38
N ASP A 318 -8.64 24.47 -1.46
CA ASP A 318 -9.44 25.68 -1.63
C ASP A 318 -8.61 26.93 -1.38
N ILE A 319 -7.50 27.04 -2.09
CA ILE A 319 -6.67 28.24 -2.02
C ILE A 319 -6.48 28.81 -3.42
N ASP A 320 -6.30 30.12 -3.50
CA ASP A 320 -6.07 30.77 -4.78
C ASP A 320 -4.67 30.47 -5.27
N PRO A 321 -4.54 30.02 -6.53
CA PRO A 321 -3.28 29.63 -7.15
C PRO A 321 -2.20 30.72 -7.06
N SER A 322 -2.62 31.98 -7.05
CA SER A 322 -1.68 33.10 -7.02
C SER A 322 -1.00 33.27 -5.66
N THR A 323 -1.46 32.51 -4.66
CA THR A 323 -0.87 32.58 -3.33
C THR A 323 0.21 31.52 -3.15
N VAL A 324 0.28 30.58 -4.10
CA VAL A 324 1.30 29.55 -4.08
C VAL A 324 2.60 30.07 -4.68
N THR A 325 3.65 30.14 -3.87
CA THR A 325 4.88 30.81 -4.26
C THR A 325 6.09 29.89 -4.45
N TYR A 326 5.91 28.60 -4.21
CA TYR A 326 6.96 27.62 -4.50
C TYR A 326 6.40 26.27 -4.89
N ILE A 327 7.10 25.58 -5.78
CA ILE A 327 6.74 24.22 -6.17
C ILE A 327 7.97 23.33 -6.12
N GLU A 328 7.96 22.36 -5.21
CA GLU A 328 8.99 21.34 -5.22
C GLU A 328 8.65 20.30 -6.27
N ALA A 329 9.29 20.41 -7.42
CA ALA A 329 9.02 19.53 -8.55
C ALA A 329 9.52 18.11 -8.29
N HIS A 330 8.95 17.15 -9.01
CA HIS A 330 9.47 15.79 -8.99
C HIS A 330 10.89 15.84 -9.49
N GLY A 331 11.07 16.54 -10.62
CA GLY A 331 12.37 16.89 -11.16
C GLY A 331 13.47 15.84 -11.08
N THR A 332 13.39 14.84 -11.95
CA THR A 332 14.38 13.77 -11.97
C THR A 332 15.59 14.16 -12.81
N GLY A 333 15.45 15.22 -13.61
CA GLY A 333 16.53 15.66 -14.47
C GLY A 333 16.59 14.87 -15.76
N THR A 334 15.45 14.39 -16.23
CA THR A 334 15.36 13.73 -17.51
C THR A 334 15.06 14.76 -18.59
N GLU A 335 15.49 14.47 -19.82
CA GLU A 335 15.35 15.41 -20.93
C GLU A 335 13.88 15.62 -21.31
N LEU A 336 13.08 14.57 -21.18
CA LEU A 336 11.68 14.62 -21.59
C LEU A 336 10.72 14.88 -20.43
N GLY A 337 11.06 14.37 -19.26
CA GLY A 337 10.18 14.45 -18.10
C GLY A 337 9.99 15.85 -17.55
N ASP A 338 11.08 16.60 -17.42
CA ASP A 338 11.04 17.95 -16.87
C ASP A 338 10.11 18.93 -17.60
N PRO A 339 10.22 19.00 -18.95
CA PRO A 339 9.27 19.87 -19.66
C PRO A 339 7.82 19.44 -19.45
N ILE A 340 7.59 18.12 -19.49
CA ILE A 340 6.26 17.55 -19.27
C ILE A 340 5.71 17.96 -17.91
N GLU A 341 6.58 17.99 -16.90
CA GLU A 341 6.18 18.41 -15.56
C GLU A 341 5.81 19.89 -15.55
N ILE A 342 6.61 20.69 -16.24
CA ILE A 342 6.34 22.13 -16.36
C ILE A 342 5.04 22.37 -17.11
N ASN A 343 4.85 21.64 -18.21
CA ASN A 343 3.61 21.74 -18.99
C ASN A 343 2.38 21.33 -18.18
N GLY A 344 2.57 20.38 -17.26
CA GLY A 344 1.50 19.98 -16.37
C GLY A 344 1.17 21.09 -15.40
N LEU A 345 2.20 21.76 -14.88
CA LEU A 345 2.03 22.87 -13.96
C LEU A 345 1.30 24.05 -14.60
N LYS A 346 1.78 24.48 -15.77
CA LYS A 346 1.20 25.61 -16.47
C LYS A 346 -0.28 25.40 -16.82
N ALA A 347 -0.61 24.19 -17.30
CA ALA A 347 -1.98 23.85 -17.64
C ALA A 347 -2.86 23.80 -16.40
N ALA A 348 -2.29 23.40 -15.27
CA ALA A 348 -3.03 23.26 -14.02
C ALA A 348 -3.38 24.61 -13.40
N PHE A 349 -2.41 25.52 -13.33
CA PHE A 349 -2.65 26.84 -12.76
C PHE A 349 -3.54 27.69 -13.67
N LYS A 350 -3.53 27.37 -14.96
CA LYS A 350 -4.38 28.06 -15.92
C LYS A 350 -5.82 27.63 -15.72
N GLU A 351 -6.03 26.33 -15.58
CA GLU A 351 -7.36 25.76 -15.36
C GLU A 351 -7.89 26.17 -13.99
N LEU A 352 -6.98 26.45 -13.06
CA LEU A 352 -7.36 26.87 -11.71
C LEU A 352 -7.68 28.36 -11.63
N SER A 353 -7.06 29.14 -12.51
CA SER A 353 -7.32 30.58 -12.56
C SER A 353 -8.64 30.86 -13.24
N ASN A 354 -9.09 29.93 -14.08
CA ASN A 354 -10.43 30.02 -14.64
C ASN A 354 -11.52 29.67 -13.62
N MET A 355 -11.11 29.48 -12.36
CA MET A 355 -12.02 29.33 -11.21
C MET A 355 -13.17 28.35 -11.44
N ASP A 362 -6.93 37.35 -6.53
CA ASP A 362 -6.65 37.46 -5.11
C ASP A 362 -5.28 38.09 -4.89
N VAL A 363 -4.33 37.73 -5.75
CA VAL A 363 -3.00 38.33 -5.77
C VAL A 363 -2.53 38.50 -7.21
N PRO A 364 -2.52 39.74 -7.71
CA PRO A 364 -1.99 40.00 -9.06
C PRO A 364 -0.47 39.83 -9.10
N ASP A 365 0.10 39.79 -10.30
CA ASP A 365 1.54 39.58 -10.50
C ASP A 365 1.99 38.26 -9.88
N HIS A 366 1.28 37.18 -10.17
CA HIS A 366 1.60 35.87 -9.63
C HIS A 366 3.00 35.40 -10.03
N ARG A 367 3.81 35.07 -9.04
CA ARG A 367 5.18 34.68 -9.28
C ARG A 367 5.56 33.48 -8.40
N CYS A 368 5.71 32.31 -9.02
CA CYS A 368 5.94 31.07 -8.29
C CYS A 368 7.27 30.42 -8.65
N GLY A 369 8.06 30.08 -7.63
CA GLY A 369 9.36 29.46 -7.84
C GLY A 369 9.28 27.96 -7.99
N ILE A 370 10.20 27.40 -8.77
CA ILE A 370 10.28 25.95 -8.95
C ILE A 370 11.70 25.47 -8.64
N GLY A 371 11.79 24.33 -7.95
CA GLY A 371 13.07 23.77 -7.58
C GLY A 371 13.01 22.27 -7.33
N SER A 372 14.17 21.64 -7.18
CA SER A 372 14.24 20.20 -6.98
C SER A 372 15.41 19.82 -6.08
N VAL A 373 15.11 19.10 -4.99
CA VAL A 373 16.13 18.63 -4.07
C VAL A 373 16.99 17.54 -4.71
N LYS A 374 16.51 16.96 -5.81
CA LYS A 374 17.25 15.97 -6.56
C LYS A 374 18.57 16.55 -7.07
N SER A 375 18.61 17.86 -7.27
CA SER A 375 19.81 18.55 -7.69
C SER A 375 20.89 18.50 -6.61
N ASN A 376 20.45 18.41 -5.36
CA ASN A 376 21.36 18.36 -4.22
C ASN A 376 21.81 16.95 -3.86
N ILE A 377 20.85 16.05 -3.66
CA ILE A 377 21.14 14.73 -3.13
C ILE A 377 20.80 13.57 -4.07
N GLY A 378 20.22 13.89 -5.23
CA GLY A 378 19.87 12.87 -6.20
C GLY A 378 18.47 12.31 -5.97
N HIS A 379 18.15 11.25 -6.70
CA HIS A 379 16.82 10.65 -6.67
C HIS A 379 16.76 9.54 -5.62
N LEU A 380 16.10 9.81 -4.51
CA LEU A 380 16.00 8.84 -3.41
C LEU A 380 14.90 7.80 -3.64
N GLU A 381 14.30 7.83 -4.82
CA GLU A 381 13.36 6.80 -5.27
C GLU A 381 12.33 6.63 -4.15
N LEU A 382 12.27 5.47 -3.53
CA LEU A 382 11.33 5.23 -2.44
C LEU A 382 11.17 6.37 -1.43
N ALA A 383 12.26 7.11 -1.19
CA ALA A 383 12.25 8.19 -0.22
C ALA A 383 12.31 9.56 -0.88
N ALA A 384 12.00 9.61 -2.17
CA ALA A 384 12.08 10.85 -2.93
C ALA A 384 11.08 11.89 -2.46
N GLY A 385 9.80 11.49 -2.41
CA GLY A 385 8.74 12.39 -2.02
C GLY A 385 8.91 13.02 -0.65
N ILE A 386 9.31 12.23 0.32
CA ILE A 386 9.51 12.73 1.69
C ILE A 386 10.70 13.68 1.76
N SER A 387 11.71 13.44 0.92
CA SER A 387 12.87 14.31 0.86
C SER A 387 12.48 15.68 0.33
N GLY A 388 11.47 15.69 -0.54
CA GLY A 388 10.95 16.93 -1.09
C GLY A 388 10.13 17.71 -0.08
N LEU A 389 9.31 16.99 0.68
CA LEU A 389 8.47 17.60 1.71
C LEU A 389 9.33 18.27 2.77
N ILE A 390 10.36 17.55 3.23
CA ILE A 390 11.24 18.05 4.27
C ILE A 390 12.05 19.26 3.81
N LYS A 391 12.45 19.27 2.54
CA LYS A 391 13.15 20.41 1.97
C LYS A 391 12.29 21.67 2.05
N VAL A 392 11.01 21.51 1.72
CA VAL A 392 10.06 22.62 1.75
C VAL A 392 9.80 23.11 3.17
N LEU A 393 9.64 22.17 4.10
CA LEU A 393 9.43 22.50 5.50
C LEU A 393 10.59 23.33 6.05
N LEU A 394 11.80 22.98 5.65
CA LEU A 394 12.99 23.72 6.05
C LEU A 394 12.99 25.11 5.43
N GLN A 395 12.57 25.20 4.16
CA GLN A 395 12.50 26.47 3.45
C GLN A 395 11.51 27.42 4.13
N MET A 396 10.41 26.86 4.63
CA MET A 396 9.41 27.66 5.36
C MET A 396 9.98 28.15 6.69
N LYS A 397 10.71 27.26 7.36
CA LYS A 397 11.29 27.54 8.67
C LYS A 397 12.23 28.74 8.60
N HIS A 398 13.05 28.79 7.55
CA HIS A 398 14.05 29.83 7.42
C HIS A 398 13.64 30.90 6.39
N LYS A 399 12.41 30.79 5.89
CA LYS A 399 11.86 31.75 4.92
C LYS A 399 12.82 31.99 3.76
N THR A 400 13.30 30.90 3.17
CA THR A 400 14.33 30.99 2.14
C THR A 400 14.14 29.94 1.05
N LEU A 401 14.22 30.38 -0.21
CA LEU A 401 14.22 29.45 -1.33
C LEU A 401 15.66 29.17 -1.75
N VAL A 402 16.13 27.95 -1.51
CA VAL A 402 17.51 27.59 -1.82
C VAL A 402 17.70 27.35 -3.31
N LYS A 403 18.95 27.35 -3.74
CA LYS A 403 19.32 27.21 -5.14
C LYS A 403 19.04 25.80 -5.67
N SER A 404 18.49 25.73 -6.88
CA SER A 404 18.40 24.48 -7.61
C SER A 404 19.67 24.34 -8.44
N LEU A 405 20.34 23.21 -8.32
CA LEU A 405 21.68 23.04 -8.86
C LEU A 405 21.71 22.65 -10.35
N HIS A 406 22.84 22.92 -10.99
CA HIS A 406 23.17 22.44 -12.34
C HIS A 406 22.30 23.00 -13.47
N CYS A 407 21.59 24.09 -13.23
CA CYS A 407 20.69 24.63 -14.25
C CYS A 407 20.98 26.08 -14.65
N GLU A 408 22.25 26.39 -14.86
CA GLU A 408 22.65 27.73 -15.30
C GLU A 408 22.09 28.02 -16.69
N THR A 409 21.95 26.97 -17.50
CA THR A 409 21.32 27.08 -18.81
C THR A 409 20.02 26.29 -18.82
N LEU A 410 18.90 26.99 -18.87
CA LEU A 410 17.59 26.34 -18.80
C LEU A 410 17.25 25.53 -20.06
N ASN A 411 16.46 24.49 -19.87
CA ASN A 411 15.95 23.69 -20.98
C ASN A 411 15.05 24.56 -21.84
N PRO A 412 15.35 24.63 -23.15
CA PRO A 412 14.60 25.48 -24.09
C PRO A 412 13.12 25.10 -24.18
N TYR A 413 12.76 23.92 -23.70
CA TYR A 413 11.38 23.46 -23.76
C TYR A 413 10.52 23.98 -22.61
N LEU A 414 11.16 24.59 -21.62
CA LEU A 414 10.44 25.12 -20.47
C LEU A 414 9.53 26.28 -20.86
N GLN A 415 10.14 27.36 -21.34
CA GLN A 415 9.41 28.58 -21.72
C GLN A 415 8.53 29.10 -20.59
N LEU A 416 9.14 29.79 -19.64
CA LEU A 416 8.43 30.25 -18.45
C LEU A 416 8.09 31.74 -18.48
N THR A 417 8.59 32.44 -19.50
CA THR A 417 8.50 33.90 -19.57
C THR A 417 7.08 34.44 -19.43
N ASP A 418 6.14 33.84 -20.14
CA ASP A 418 4.75 34.26 -20.07
C ASP A 418 3.93 33.40 -19.11
N SER A 419 4.51 33.13 -17.94
CA SER A 419 3.86 32.31 -16.94
C SER A 419 4.29 32.79 -15.55
N PRO A 420 3.56 32.35 -14.50
CA PRO A 420 3.95 32.75 -13.14
C PRO A 420 5.24 32.07 -12.66
N PHE A 421 5.77 31.14 -13.43
CA PHE A 421 6.85 30.29 -12.96
C PHE A 421 8.26 30.75 -13.30
N TYR A 422 9.19 30.46 -12.39
CA TYR A 422 10.61 30.68 -12.62
C TYR A 422 11.41 29.61 -11.89
N ILE A 423 12.59 29.29 -12.39
CA ILE A 423 13.46 28.33 -11.73
C ILE A 423 14.32 29.05 -10.70
N VAL A 424 14.32 28.56 -9.47
CA VAL A 424 15.18 29.13 -8.43
C VAL A 424 16.63 28.81 -8.73
N GLN A 425 17.28 29.66 -9.52
CA GLN A 425 18.64 29.43 -9.95
C GLN A 425 19.64 30.05 -8.97
N GLU A 426 19.14 30.89 -8.08
CA GLU A 426 19.95 31.45 -7.00
C GLU A 426 19.17 31.42 -5.69
N LYS A 427 19.88 31.22 -4.58
CA LYS A 427 19.24 31.29 -3.25
C LYS A 427 18.68 32.69 -3.08
N GLN A 428 17.49 32.77 -2.49
CA GLN A 428 16.83 34.04 -2.26
C GLN A 428 15.84 33.93 -1.10
N GLU A 429 15.47 35.07 -0.55
CA GLU A 429 14.46 35.12 0.50
C GLU A 429 13.11 34.68 -0.05
N TRP A 430 12.48 33.73 0.64
CA TRP A 430 11.12 33.34 0.32
C TRP A 430 10.18 34.40 0.88
N LYS A 431 9.85 35.39 0.06
CA LYS A 431 9.06 36.54 0.50
C LYS A 431 7.59 36.20 0.73
N SER A 432 6.97 36.90 1.67
CA SER A 432 5.55 36.74 1.95
C SER A 432 4.74 37.46 0.88
N VAL A 433 3.49 37.06 0.72
CA VAL A 433 2.60 37.71 -0.23
C VAL A 433 1.46 38.36 0.56
N THR A 434 0.63 39.13 -0.11
CA THR A 434 -0.44 39.87 0.57
C THR A 434 -1.79 39.72 -0.12
N ASP A 435 -2.84 39.52 0.69
CA ASP A 435 -4.20 39.44 0.18
C ASP A 435 -4.67 40.81 -0.34
N ARG A 436 -5.96 40.91 -0.67
CA ARG A 436 -6.51 42.17 -1.19
C ARG A 436 -6.44 43.29 -0.17
N ASP A 437 -6.60 42.94 1.11
CA ASP A 437 -6.40 43.90 2.19
C ASP A 437 -4.90 44.04 2.46
N GLY A 438 -4.55 44.78 3.50
CA GLY A 438 -3.15 44.97 3.84
C GLY A 438 -2.62 43.90 4.77
N ASN A 439 -2.90 42.64 4.45
CA ASN A 439 -2.50 41.55 5.32
C ASN A 439 -1.63 40.49 4.65
N GLU A 440 -0.45 40.25 5.23
CA GLU A 440 0.46 39.22 4.75
C GLU A 440 -0.18 37.84 4.86
N LEU A 441 0.16 36.97 3.92
CA LEU A 441 -0.41 35.62 3.88
C LEU A 441 0.65 34.59 4.25
N PRO A 442 0.22 33.44 4.79
CA PRO A 442 1.17 32.36 5.06
C PRO A 442 1.75 31.84 3.76
N ARG A 443 3.02 31.45 3.77
CA ARG A 443 3.66 30.89 2.58
C ARG A 443 3.00 29.57 2.20
N ARG A 444 2.75 29.40 0.91
CA ARG A 444 2.09 28.19 0.41
C ARG A 444 2.92 27.54 -0.70
N ALA A 445 3.13 26.24 -0.58
CA ALA A 445 3.95 25.52 -1.55
C ALA A 445 3.36 24.14 -1.86
N GLY A 446 3.84 23.54 -2.94
CA GLY A 446 3.39 22.22 -3.35
C GLY A 446 4.55 21.31 -3.67
N ILE A 447 4.37 20.01 -3.42
CA ILE A 447 5.39 19.01 -3.73
C ILE A 447 4.82 17.94 -4.66
N SER A 448 5.53 17.67 -5.75
CA SER A 448 5.11 16.64 -6.69
C SER A 448 6.02 15.42 -6.62
N SER A 449 5.44 14.25 -6.86
CA SER A 449 6.21 13.01 -6.87
C SER A 449 5.56 11.99 -7.80
N PHE A 450 6.30 11.55 -8.81
CA PHE A 450 5.76 10.65 -9.81
C PHE A 450 6.56 9.34 -9.86
N GLY A 451 5.89 8.25 -10.20
CA GLY A 451 6.55 6.97 -10.36
C GLY A 451 6.63 6.56 -11.82
N ILE A 452 7.59 5.72 -12.16
CA ILE A 452 7.74 5.27 -13.54
C ILE A 452 6.63 4.31 -13.93
N GLY A 453 5.84 3.89 -12.95
CA GLY A 453 4.70 3.04 -13.21
C GLY A 453 3.50 3.85 -13.68
N GLY A 454 3.50 5.15 -13.37
CA GLY A 454 2.44 6.03 -13.76
C GLY A 454 1.70 6.64 -12.59
N VAL A 455 2.08 6.23 -11.39
CA VAL A 455 1.45 6.74 -10.17
C VAL A 455 1.94 8.14 -9.84
N ASN A 456 1.00 9.07 -9.71
CA ASN A 456 1.33 10.46 -9.41
C ASN A 456 0.77 10.87 -8.05
N ALA A 457 1.45 11.81 -7.39
CA ALA A 457 0.98 12.33 -6.11
C ALA A 457 1.42 13.77 -5.91
N HIS A 458 0.57 14.56 -5.27
CA HIS A 458 0.90 15.96 -4.98
C HIS A 458 0.36 16.39 -3.62
N ILE A 459 1.14 17.19 -2.91
CA ILE A 459 0.77 17.67 -1.59
C ILE A 459 0.85 19.19 -1.51
N VAL A 460 -0.15 19.80 -0.88
CA VAL A 460 -0.17 21.25 -0.70
C VAL A 460 0.13 21.62 0.75
N ILE A 461 1.22 22.36 0.95
CA ILE A 461 1.63 22.74 2.30
C ILE A 461 1.45 24.23 2.53
N GLU A 462 0.94 24.59 3.70
CA GLU A 462 0.80 25.98 4.08
C GLU A 462 1.62 26.27 5.34
N GLU A 463 2.34 27.39 5.33
CA GLU A 463 3.11 27.82 6.49
C GLU A 463 2.20 28.00 7.70
N TYR A 464 2.65 27.57 8.87
CA TYR A 464 1.85 27.70 10.08
C TYR A 464 2.06 29.05 10.75
N MET A 465 0.96 29.76 10.97
CA MET A 465 1.00 31.07 11.61
C MET A 465 0.47 30.98 13.04
N PRO A 466 1.38 31.04 14.02
CA PRO A 466 1.02 30.94 15.44
C PRO A 466 0.28 32.17 15.93
N GLU A 476 14.22 34.20 34.90
CA GLU A 476 12.92 34.47 35.52
C GLU A 476 12.59 33.43 36.58
N GLN A 477 12.18 32.24 36.13
CA GLN A 477 11.83 31.15 37.04
C GLN A 477 12.74 29.95 36.79
N PRO A 478 13.04 29.18 37.86
CA PRO A 478 13.82 27.95 37.70
C PRO A 478 12.95 26.77 37.28
N ASN A 479 13.58 25.73 36.75
CA ASN A 479 12.87 24.50 36.41
C ASN A 479 13.80 23.30 36.47
N VAL A 480 13.22 22.10 36.45
CA VAL A 480 14.00 20.88 36.48
C VAL A 480 14.23 20.35 35.06
N ILE A 481 15.49 20.23 34.67
CA ILE A 481 15.84 19.66 33.37
C ILE A 481 16.20 18.20 33.56
N VAL A 482 15.47 17.30 32.91
CA VAL A 482 15.67 15.87 33.09
C VAL A 482 16.05 15.14 31.80
N LEU A 483 16.92 14.16 31.92
CA LEU A 483 17.38 13.36 30.79
C LEU A 483 17.52 11.90 31.19
N SER A 484 17.04 10.99 30.35
CA SER A 484 17.20 9.57 30.60
C SER A 484 17.60 8.82 29.33
N ALA A 485 18.24 7.66 29.52
CA ALA A 485 18.65 6.81 28.43
C ALA A 485 18.73 5.36 28.89
N LYS A 486 18.93 4.44 27.95
CA LYS A 486 18.97 3.01 28.24
C LYS A 486 20.19 2.61 29.07
N ASN A 487 21.29 3.32 28.87
CA ASN A 487 22.53 3.08 29.62
C ASN A 487 23.31 4.37 29.87
N LYS A 488 24.41 4.25 30.58
CA LYS A 488 25.22 5.41 30.96
C LYS A 488 25.91 6.04 29.75
N SER A 489 26.21 5.22 28.74
CA SER A 489 26.84 5.71 27.52
C SER A 489 25.91 6.61 26.71
N ARG A 490 24.66 6.16 26.54
CA ARG A 490 23.67 6.94 25.80
C ARG A 490 23.25 8.19 26.56
N LEU A 491 23.30 8.13 27.89
CA LEU A 491 22.93 9.27 28.72
C LEU A 491 23.93 10.41 28.55
N ILE A 492 25.21 10.06 28.49
CA ILE A 492 26.26 11.03 28.21
C ILE A 492 26.09 11.59 26.81
N ASP A 493 25.70 10.74 25.87
CA ASP A 493 25.43 11.16 24.51
C ASP A 493 24.25 12.13 24.45
N ARG A 494 23.20 11.82 25.20
CA ARG A 494 22.03 12.70 25.29
C ARG A 494 22.43 14.08 25.82
N ALA A 495 23.32 14.09 26.81
CA ALA A 495 23.80 15.33 27.39
C ALA A 495 24.64 16.12 26.38
N SER A 496 25.56 15.43 25.73
CA SER A 496 26.43 16.04 24.72
C SER A 496 25.61 16.69 23.61
N GLN A 497 24.55 16.00 23.18
CA GLN A 497 23.65 16.51 22.15
C GLN A 497 22.98 17.81 22.58
N LEU A 498 22.39 17.79 23.77
CA LEU A 498 21.72 18.96 24.31
C LEU A 498 22.72 20.08 24.60
N LEU A 499 23.82 19.73 25.25
CA LEU A 499 24.90 20.66 25.57
C LEU A 499 25.35 21.43 24.32
N GLU A 500 25.59 20.71 23.23
CA GLU A 500 26.12 21.32 22.01
C GLU A 500 25.11 22.20 21.29
N VAL A 501 23.84 21.79 21.30
CA VAL A 501 22.81 22.53 20.57
C VAL A 501 22.53 23.85 21.27
N ILE A 502 22.88 23.92 22.55
CA ILE A 502 22.80 25.15 23.31
C ILE A 502 23.95 26.08 22.93
N ARG A 503 25.14 25.51 22.80
CA ARG A 503 26.34 26.30 22.54
C ARG A 503 26.36 26.93 21.16
N ASN A 504 25.67 26.30 20.22
CA ASN A 504 25.49 26.89 18.90
C ASN A 504 24.24 27.75 18.88
N LYS A 505 23.86 28.22 20.07
CA LYS A 505 22.83 29.23 20.28
C LYS A 505 21.53 29.08 19.50
N LYS A 506 21.06 27.85 19.35
CA LYS A 506 19.75 27.60 18.76
C LYS A 506 18.68 28.00 19.77
N TYR A 507 19.12 28.27 20.99
CA TYR A 507 18.18 28.54 22.08
C TYR A 507 18.48 29.80 22.89
N THR A 508 17.42 30.35 23.48
CA THR A 508 17.50 31.53 24.35
C THR A 508 16.92 31.17 25.70
N ASP A 509 16.84 32.16 26.60
CA ASP A 509 16.25 31.95 27.92
C ASP A 509 14.72 31.96 27.83
N GLN A 510 14.21 32.43 26.70
CA GLN A 510 12.78 32.43 26.43
C GLN A 510 12.31 30.99 26.20
N ASP A 511 13.25 30.10 25.92
CA ASP A 511 12.94 28.72 25.54
C ASP A 511 13.08 27.71 26.69
N LEU A 512 13.76 28.11 27.76
CA LEU A 512 14.12 27.18 28.84
C LEU A 512 12.96 26.33 29.38
N HIS A 513 11.81 26.95 29.57
CA HIS A 513 10.65 26.23 30.08
C HIS A 513 10.05 25.29 29.04
N ARG A 514 10.06 25.71 27.78
CA ARG A 514 9.61 24.85 26.69
C ARG A 514 10.52 23.62 26.60
N ILE A 515 11.82 23.84 26.78
CA ILE A 515 12.79 22.75 26.82
C ILE A 515 12.46 21.80 27.97
N ALA A 516 12.34 22.36 29.17
CA ALA A 516 12.07 21.57 30.38
C ALA A 516 10.81 20.74 30.26
N TYR A 517 9.70 21.39 29.90
CA TYR A 517 8.42 20.72 29.77
C TYR A 517 8.44 19.60 28.73
N THR A 518 9.13 19.85 27.62
CA THR A 518 9.25 18.86 26.55
C THR A 518 10.03 17.63 27.02
N LEU A 519 11.06 17.85 27.84
CA LEU A 519 11.86 16.75 28.36
C LEU A 519 11.14 16.01 29.50
N GLN A 520 10.17 16.68 30.11
CA GLN A 520 9.43 16.10 31.23
C GLN A 520 8.29 15.20 30.76
N VAL A 521 7.53 15.66 29.76
CA VAL A 521 6.33 14.95 29.32
C VAL A 521 6.45 14.41 27.89
N GLY A 522 7.51 14.78 27.19
CA GLY A 522 7.68 14.36 25.81
C GLY A 522 8.83 13.41 25.57
N ARG A 523 9.27 12.74 26.63
CA ARG A 523 10.33 11.74 26.53
C ARG A 523 9.97 10.48 27.30
N GLU A 524 10.42 9.33 26.82
CA GLU A 524 10.24 8.09 27.56
C GLU A 524 11.15 8.13 28.78
N GLU A 525 10.62 7.75 29.93
CA GLU A 525 11.43 7.72 31.14
C GLU A 525 12.22 6.42 31.20
N MET A 526 13.52 6.52 30.88
CA MET A 526 14.38 5.35 30.82
C MET A 526 15.21 5.17 32.10
N ASP A 527 16.02 4.11 32.14
CA ASP A 527 16.64 3.67 33.38
C ASP A 527 17.75 4.60 33.93
N GLU A 528 18.71 4.94 33.08
CA GLU A 528 19.80 5.82 33.50
C GLU A 528 19.39 7.29 33.42
N ARG A 529 19.33 7.94 34.58
CA ARG A 529 18.73 9.28 34.65
C ARG A 529 19.68 10.38 35.12
N LEU A 530 19.48 11.58 34.58
CA LEU A 530 20.25 12.75 34.96
C LEU A 530 19.31 13.94 35.10
N ALA A 531 19.39 14.63 36.24
CA ALA A 531 18.55 15.81 36.47
C ALA A 531 19.34 16.95 37.08
N CYS A 532 18.99 18.17 36.71
CA CYS A 532 19.59 19.36 37.29
C CYS A 532 18.60 20.51 37.29
N VAL A 533 18.83 21.50 38.15
CA VAL A 533 17.95 22.65 38.24
C VAL A 533 18.61 23.85 37.56
N ALA A 534 17.85 24.52 36.69
CA ALA A 534 18.38 25.66 35.96
C ALA A 534 17.32 26.74 35.76
N GLY A 535 17.76 28.00 35.78
CA GLY A 535 16.88 29.13 35.53
C GLY A 535 17.27 29.85 34.25
N THR A 536 18.52 29.64 33.83
CA THR A 536 19.02 30.21 32.59
C THR A 536 19.68 29.14 31.72
N MET A 537 19.78 29.41 30.43
CA MET A 537 20.46 28.51 29.50
C MET A 537 21.94 28.37 29.88
N GLN A 538 22.48 29.45 30.42
CA GLN A 538 23.86 29.48 30.86
C GLN A 538 24.07 28.56 32.06
N GLU A 539 23.17 28.67 33.04
CA GLU A 539 23.22 27.83 34.22
C GLU A 539 23.05 26.36 33.83
N LEU A 540 22.24 26.13 32.81
CA LEU A 540 22.00 24.78 32.30
C LEU A 540 23.22 24.25 31.56
N GLU A 541 23.82 25.10 30.72
CA GLU A 541 25.00 24.73 29.95
C GLU A 541 26.17 24.34 30.86
N GLU A 542 26.35 25.10 31.93
CA GLU A 542 27.41 24.84 32.89
C GLU A 542 27.21 23.53 33.64
N LYS A 543 25.95 23.18 33.90
CA LYS A 543 25.62 21.97 34.64
C LYS A 543 25.75 20.70 33.80
N LEU A 544 25.31 20.78 32.55
CA LEU A 544 25.45 19.67 31.62
C LEU A 544 26.92 19.39 31.39
N GLN A 545 27.70 20.45 31.20
CA GLN A 545 29.12 20.33 30.95
C GLN A 545 29.83 19.69 32.14
N ALA A 546 29.39 20.04 33.35
CA ALA A 546 29.94 19.46 34.56
C ALA A 546 29.77 17.95 34.56
N PHE A 547 28.60 17.51 34.13
CA PHE A 547 28.32 16.08 34.02
C PHE A 547 29.09 15.43 32.87
N VAL A 548 29.21 16.15 31.77
CA VAL A 548 29.92 15.64 30.59
C VAL A 548 31.44 15.61 30.79
N ASP A 549 31.99 16.71 31.30
CA ASP A 549 33.44 16.86 31.49
C ASP A 549 34.12 15.65 32.12
N GLY A 550 33.65 15.26 33.31
CA GLY A 550 34.19 14.09 33.98
C GLY A 550 33.23 12.91 33.86
N LYS A 551 32.70 12.39 34.98
CA LYS A 551 32.95 12.83 36.36
C LYS A 551 32.65 14.30 36.69
N GLU A 552 33.59 14.92 37.41
CA GLU A 552 33.41 16.26 37.98
C GLU A 552 32.06 16.40 38.67
N GLU A 553 31.97 15.87 39.88
CA GLU A 553 30.72 15.85 40.60
C GLU A 553 30.83 16.31 42.05
N THR A 554 30.15 17.40 42.36
CA THR A 554 29.75 17.72 43.72
C THR A 554 28.30 17.29 43.72
N ASP A 555 27.90 16.81 42.53
CA ASP A 555 26.51 16.63 42.16
C ASP A 555 25.69 17.89 42.38
N GLU A 556 25.96 18.90 41.57
CA GLU A 556 25.06 20.05 41.45
C GLU A 556 24.07 19.68 40.35
N PHE A 557 24.21 18.45 39.89
CA PHE A 557 23.21 17.77 39.08
C PHE A 557 22.85 16.49 39.82
N PHE A 558 21.78 15.82 39.41
CA PHE A 558 21.35 14.61 40.09
C PHE A 558 21.46 13.39 39.18
N ARG A 559 22.01 12.31 39.72
CA ARG A 559 22.19 11.07 38.95
C ARG A 559 21.58 9.88 39.66
N GLY A 560 21.06 8.93 38.89
CA GLY A 560 20.46 7.74 39.47
C GLY A 560 19.96 6.72 38.47
N GLN A 561 19.70 5.51 38.95
CA GLN A 561 19.13 4.44 38.14
C GLN A 561 17.76 4.06 38.70
N SER A 562 16.78 3.92 37.81
CA SER A 562 15.41 3.64 38.21
C SER A 562 15.23 2.27 38.86
N HIS A 563 15.88 1.26 38.29
CA HIS A 563 15.67 -0.13 38.71
C HIS A 563 16.26 -0.44 40.09
N ARG A 564 17.11 0.43 40.60
CA ARG A 564 17.77 0.18 41.88
C ARG A 564 17.02 0.79 43.07
N ASN A 565 15.93 1.50 42.79
CA ASN A 565 15.17 2.13 43.86
C ASN A 565 13.67 1.81 43.81
N LYS A 566 13.34 0.53 43.65
CA LYS A 566 11.96 0.08 43.78
C LYS A 566 11.54 0.21 45.24
N GLU A 567 10.31 -0.20 45.54
CA GLU A 567 9.69 0.04 46.86
C GLU A 567 9.45 1.54 47.11
N THR A 568 10.55 2.29 47.11
CA THR A 568 10.51 3.75 47.23
C THR A 568 9.54 4.35 46.21
N GLN A 569 9.52 3.76 45.02
CA GLN A 569 8.58 4.14 43.98
C GLN A 569 7.17 3.73 44.37
N THR A 570 6.99 2.48 44.81
CA THR A 570 5.69 1.95 45.25
C THR A 570 5.11 2.72 46.42
N ILE A 571 5.97 3.04 47.39
CA ILE A 571 5.63 3.89 48.53
C ILE A 571 4.87 5.15 48.08
N PHE A 572 5.44 5.85 47.12
CA PHE A 572 4.91 7.15 46.70
C PHE A 572 3.68 7.09 45.78
N THR A 573 3.42 5.95 45.16
CA THR A 573 2.26 5.81 44.29
C THR A 573 1.09 5.06 44.95
N ALA A 574 1.41 3.96 45.63
CA ALA A 574 0.39 3.11 46.23
C ALA A 574 -0.11 3.60 47.59
N ASP A 575 0.56 4.63 48.13
CA ASP A 575 0.12 5.21 49.40
C ASP A 575 -0.46 6.61 49.23
N GLU A 576 -1.64 6.83 49.79
CA GLU A 576 -2.37 8.06 49.64
C GLU A 576 -1.72 9.25 50.34
N ASP A 577 -1.03 9.00 51.45
CA ASP A 577 -0.46 10.08 52.26
C ASP A 577 0.89 10.55 51.74
N MET A 578 1.68 9.62 51.22
CA MET A 578 2.96 9.98 50.61
C MET A 578 2.74 10.66 49.27
N ALA A 579 1.67 10.27 48.58
CA ALA A 579 1.31 10.89 47.31
C ALA A 579 0.95 12.36 47.51
N LEU A 580 0.28 12.67 48.60
CA LEU A 580 -0.08 14.04 48.94
C LEU A 580 1.16 14.84 49.34
N ALA A 581 2.11 14.16 49.97
CA ALA A 581 3.37 14.79 50.36
C ALA A 581 4.16 15.18 49.12
N LEU A 582 4.13 14.30 48.12
CA LEU A 582 4.83 14.55 46.86
C LEU A 582 4.16 15.68 46.09
N ASP A 583 2.84 15.64 46.04
CA ASP A 583 2.04 16.69 45.40
C ASP A 583 2.36 18.06 45.99
N ALA A 584 2.60 18.08 47.30
CA ALA A 584 2.92 19.31 48.01
C ALA A 584 4.24 19.90 47.55
N TRP A 585 5.26 19.06 47.40
CA TRP A 585 6.58 19.52 47.02
C TRP A 585 6.61 20.10 45.62
N ILE A 586 5.74 19.60 44.76
CA ILE A 586 5.62 20.14 43.41
C ILE A 586 5.04 21.54 43.45
N ARG A 587 3.94 21.69 44.19
CA ARG A 587 3.27 22.98 44.31
C ARG A 587 4.11 24.02 45.05
N LYS A 588 5.05 23.55 45.86
CA LYS A 588 5.93 24.45 46.60
C LYS A 588 7.24 24.71 45.86
N ARG A 589 7.35 24.13 44.66
CA ARG A 589 8.51 24.31 43.81
C ARG A 589 9.81 23.91 44.50
N LYS A 590 9.84 22.70 45.06
CA LYS A 590 11.05 22.18 45.70
C LYS A 590 11.88 21.41 44.67
N TYR A 591 12.46 22.15 43.74
CA TYR A 591 13.13 21.59 42.56
C TYR A 591 14.19 20.52 42.84
N ALA A 592 15.14 20.85 43.71
CA ALA A 592 16.24 19.94 44.02
C ALA A 592 15.75 18.62 44.62
N LYS A 593 14.63 18.70 45.34
CA LYS A 593 14.08 17.54 46.01
C LYS A 593 13.35 16.62 45.03
N LEU A 594 12.62 17.22 44.10
CA LEU A 594 11.92 16.46 43.07
C LEU A 594 12.92 15.83 42.12
N ALA A 595 14.02 16.54 41.88
CA ALA A 595 15.08 16.04 41.02
C ALA A 595 15.69 14.77 41.60
N ASP A 596 15.93 14.80 42.92
CA ASP A 596 16.47 13.65 43.63
C ASP A 596 15.53 12.44 43.52
N LEU A 597 14.23 12.69 43.64
CA LEU A 597 13.23 11.64 43.56
C LEU A 597 13.11 11.07 42.15
N TRP A 598 13.15 11.95 41.15
CA TRP A 598 12.93 11.54 39.76
C TRP A 598 14.01 10.62 39.22
N VAL A 599 15.28 10.92 39.55
CA VAL A 599 16.39 10.10 39.07
C VAL A 599 16.41 8.73 39.74
N LYS A 600 15.56 8.56 40.76
CA LYS A 600 15.43 7.28 41.44
C LYS A 600 14.22 6.52 40.91
N GLY A 601 13.58 7.06 39.87
CA GLY A 601 12.47 6.39 39.23
C GLY A 601 11.11 6.69 39.82
N VAL A 602 11.05 7.65 40.74
CA VAL A 602 9.77 8.05 41.34
C VAL A 602 8.98 8.88 40.33
N SER A 603 7.71 8.50 40.13
CA SER A 603 6.87 9.17 39.13
C SER A 603 6.44 10.57 39.56
N ILE A 604 6.85 11.56 38.79
CA ILE A 604 6.50 12.95 39.07
C ILE A 604 5.46 13.46 38.09
N GLN A 605 4.36 14.01 38.60
CA GLN A 605 3.35 14.62 37.75
C GLN A 605 3.74 16.06 37.43
N TRP A 606 4.48 16.22 36.34
CA TRP A 606 5.07 17.51 35.97
C TRP A 606 4.05 18.60 35.64
N ASN A 607 2.85 18.19 35.23
CA ASN A 607 1.82 19.17 34.85
C ASN A 607 1.37 20.05 36.01
N THR A 608 1.47 19.52 37.23
CA THR A 608 1.11 20.25 38.44
C THR A 608 2.07 21.42 38.68
N LEU A 609 3.21 21.38 38.00
CA LEU A 609 4.24 22.40 38.13
C LEU A 609 3.91 23.65 37.29
N TYR A 610 2.88 23.55 36.44
CA TYR A 610 2.53 24.64 35.54
C TYR A 610 1.08 25.08 35.72
N GLY A 611 0.73 26.20 35.12
CA GLY A 611 -0.65 26.65 35.11
C GLY A 611 -1.48 25.82 34.14
N GLU A 612 -2.65 26.31 33.78
CA GLU A 612 -3.50 25.60 32.84
C GLU A 612 -2.89 25.67 31.44
N THR A 613 -2.24 26.79 31.15
CA THR A 613 -1.53 26.95 29.88
C THR A 613 -0.11 26.40 30.01
N LYS A 614 0.12 25.26 29.37
CA LYS A 614 1.43 24.63 29.36
C LYS A 614 2.29 25.23 28.24
N PRO A 615 3.62 25.21 28.40
CA PRO A 615 4.51 25.70 27.35
C PRO A 615 4.38 24.85 26.09
N ARG A 616 4.63 25.43 24.93
CA ARG A 616 4.56 24.70 23.68
C ARG A 616 5.75 23.75 23.55
N LEU A 617 5.49 22.54 23.08
CA LEU A 617 6.53 21.55 22.85
C LEU A 617 7.56 22.10 21.87
N ILE A 618 8.81 21.66 22.01
CA ILE A 618 9.89 22.19 21.18
C ILE A 618 10.76 21.06 20.62
N SER A 619 11.34 21.30 19.45
CA SER A 619 12.25 20.35 18.82
C SER A 619 13.56 20.28 19.58
N LEU A 620 13.92 19.08 20.02
CA LEU A 620 15.18 18.84 20.71
C LEU A 620 15.85 17.62 20.09
N PRO A 621 17.17 17.47 20.27
CA PRO A 621 17.89 16.32 19.74
C PRO A 621 17.25 14.99 20.15
N SER A 622 16.98 14.13 19.16
CA SER A 622 16.36 12.84 19.41
C SER A 622 17.41 11.79 19.82
N TYR A 623 16.93 10.61 20.22
CA TYR A 623 17.77 9.58 20.83
C TYR A 623 19.02 9.22 20.03
N PRO A 624 20.19 9.28 20.69
CA PRO A 624 21.49 8.92 20.11
C PRO A 624 21.72 7.41 20.12
N PHE A 625 21.07 6.71 19.20
CA PHE A 625 21.17 5.25 19.12
C PHE A 625 22.61 4.78 18.97
N ALA A 626 22.90 3.61 19.51
CA ALA A 626 24.22 3.00 19.37
C ALA A 626 24.52 2.74 17.90
N LYS A 627 25.74 3.02 17.49
CA LYS A 627 26.14 2.85 16.09
C LYS A 627 26.71 1.47 15.84
N ASP A 628 26.13 0.47 16.49
CA ASP A 628 26.63 -0.90 16.36
C ASP A 628 26.34 -1.50 14.98
N HIS A 629 27.39 -2.01 14.35
CA HIS A 629 27.34 -2.53 12.98
C HIS A 629 26.71 -3.91 12.92
N TYR A 630 25.65 -4.05 12.12
CA TYR A 630 25.01 -5.34 11.92
C TYR A 630 24.80 -5.62 10.43
N TRP A 631 25.29 -6.76 9.98
CA TRP A 631 25.24 -7.13 8.57
C TRP A 631 25.12 -8.63 8.43
N VAL A 632 25.25 -9.13 7.20
CA VAL A 632 25.12 -10.56 6.94
C VAL A 632 26.18 -11.37 7.69
N PRO A 633 25.75 -12.45 8.36
CA PRO A 633 26.68 -13.32 9.09
C PRO A 633 27.56 -14.12 8.14
N ASP B 22 -24.00 7.44 6.03
CA ASP B 22 -22.90 8.21 5.46
C ASP B 22 -21.95 7.29 4.70
N PHE B 23 -22.11 5.98 4.92
CA PHE B 23 -21.33 4.98 4.19
C PHE B 23 -22.11 4.48 2.98
N GLU B 24 -21.53 4.65 1.80
CA GLU B 24 -22.15 4.19 0.57
C GLU B 24 -21.82 2.73 0.29
N PRO B 25 -22.84 1.86 0.26
CA PRO B 25 -22.67 0.43 0.02
C PRO B 25 -22.03 0.16 -1.34
N VAL B 26 -21.17 -0.87 -1.41
CA VAL B 26 -20.47 -1.19 -2.64
C VAL B 26 -20.90 -2.54 -3.20
N ALA B 27 -21.31 -2.55 -4.46
CA ALA B 27 -21.75 -3.77 -5.12
C ALA B 27 -20.60 -4.50 -5.81
N ILE B 28 -20.56 -5.82 -5.66
CA ILE B 28 -19.59 -6.66 -6.35
C ILE B 28 -20.21 -7.14 -7.66
N VAL B 29 -19.86 -6.48 -8.75
CA VAL B 29 -20.54 -6.68 -10.03
C VAL B 29 -19.82 -7.64 -10.98
N GLY B 30 -18.61 -8.05 -10.61
CA GLY B 30 -17.84 -8.96 -11.44
C GLY B 30 -16.76 -9.70 -10.67
N ILE B 31 -16.60 -10.98 -10.95
CA ILE B 31 -15.57 -11.78 -10.29
C ILE B 31 -14.81 -12.68 -11.27
N SER B 32 -13.58 -13.02 -10.90
CA SER B 32 -12.77 -13.96 -11.67
C SER B 32 -11.79 -14.65 -10.74
N GLY B 33 -11.20 -15.76 -11.20
CA GLY B 33 -10.22 -16.46 -10.37
C GLY B 33 -9.78 -17.83 -10.80
N ARG B 34 -8.56 -18.19 -10.41
CA ARG B 34 -8.03 -19.53 -10.58
C ARG B 34 -7.44 -20.02 -9.26
N PHE B 35 -7.72 -21.27 -8.90
CA PHE B 35 -7.33 -21.77 -7.59
C PHE B 35 -6.77 -23.20 -7.72
N PRO B 36 -6.17 -23.74 -6.65
CA PRO B 36 -5.70 -25.13 -6.73
C PRO B 36 -6.86 -26.09 -7.00
N GLY B 37 -6.72 -26.89 -8.06
CA GLY B 37 -7.73 -27.85 -8.43
C GLY B 37 -8.95 -27.22 -9.09
N ALA B 38 -8.81 -25.96 -9.51
CA ALA B 38 -9.92 -25.22 -10.09
C ALA B 38 -9.47 -24.25 -11.19
N MET B 39 -9.86 -24.53 -12.43
CA MET B 39 -9.48 -23.70 -13.56
C MET B 39 -10.22 -22.36 -13.53
N ASP B 40 -11.49 -22.37 -13.13
CA ASP B 40 -12.31 -21.17 -13.07
C ASP B 40 -13.20 -21.15 -11.83
N ILE B 41 -14.06 -20.14 -11.74
CA ILE B 41 -14.97 -20.00 -10.61
C ILE B 41 -15.98 -21.15 -10.55
N ASP B 42 -16.41 -21.61 -11.72
CA ASP B 42 -17.35 -22.72 -11.81
C ASP B 42 -16.79 -23.99 -11.19
N GLU B 43 -15.57 -24.36 -11.56
CA GLU B 43 -14.93 -25.55 -11.01
C GLU B 43 -14.58 -25.34 -9.54
N PHE B 44 -14.26 -24.11 -9.18
CA PHE B 44 -13.94 -23.76 -7.80
C PHE B 44 -15.12 -24.05 -6.89
N TRP B 45 -16.32 -23.68 -7.36
CA TRP B 45 -17.53 -23.99 -6.60
C TRP B 45 -17.83 -25.49 -6.62
N LYS B 46 -17.57 -26.12 -7.76
CA LYS B 46 -17.79 -27.54 -7.91
C LYS B 46 -17.00 -28.33 -6.87
N ASN B 47 -15.76 -27.91 -6.64
CA ASN B 47 -14.90 -28.56 -5.66
C ASN B 47 -15.31 -28.25 -4.22
N LEU B 48 -15.91 -27.09 -4.01
CA LEU B 48 -16.38 -26.70 -2.68
C LEU B 48 -17.65 -27.46 -2.30
N GLU B 49 -18.50 -27.70 -3.29
CA GLU B 49 -19.74 -28.43 -3.07
C GLU B 49 -19.44 -29.89 -2.71
N GLU B 50 -18.45 -30.46 -3.38
CA GLU B 50 -18.07 -31.85 -3.16
C GLU B 50 -17.15 -32.01 -1.95
N GLY B 51 -16.80 -30.89 -1.33
CA GLY B 51 -15.90 -30.90 -0.19
C GLY B 51 -14.54 -31.47 -0.57
N LYS B 52 -14.01 -31.01 -1.71
CA LYS B 52 -12.79 -31.58 -2.27
C LYS B 52 -11.51 -30.97 -1.67
N ASP B 53 -10.50 -31.82 -1.49
CA ASP B 53 -9.18 -31.41 -1.04
C ASP B 53 -8.28 -31.32 -2.28
N SER B 54 -7.65 -30.17 -2.49
CA SER B 54 -6.86 -29.95 -3.69
C SER B 54 -5.36 -29.87 -3.44
N ILE B 55 -4.94 -30.07 -2.19
CA ILE B 55 -3.52 -30.02 -1.86
C ILE B 55 -2.79 -31.24 -2.39
N THR B 56 -1.71 -31.00 -3.14
CA THR B 56 -0.88 -32.07 -3.68
C THR B 56 0.55 -31.88 -3.22
N GLU B 57 1.45 -32.72 -3.74
CA GLU B 57 2.87 -32.54 -3.48
C GLU B 57 3.43 -31.53 -4.49
N VAL B 58 4.57 -30.93 -4.16
CA VAL B 58 5.23 -29.98 -5.04
C VAL B 58 5.52 -30.62 -6.39
N PRO B 59 4.91 -30.07 -7.47
CA PRO B 59 5.19 -30.57 -8.83
C PRO B 59 6.67 -30.40 -9.13
N LYS B 60 7.24 -31.33 -9.89
CA LYS B 60 8.67 -31.33 -10.13
C LYS B 60 9.11 -30.21 -11.07
N ASP B 61 8.16 -29.54 -11.72
CA ASP B 61 8.49 -28.41 -12.57
C ASP B 61 8.72 -27.14 -11.75
N ARG B 62 8.33 -27.18 -10.48
CA ARG B 62 8.66 -26.12 -9.54
C ARG B 62 10.00 -26.43 -8.91
N TRP B 63 10.06 -27.54 -8.19
CA TRP B 63 11.30 -28.08 -7.65
C TRP B 63 11.09 -29.51 -7.16
N ASP B 64 12.19 -30.27 -7.05
CA ASP B 64 12.12 -31.61 -6.49
C ASP B 64 12.19 -31.52 -4.97
N TRP B 65 11.13 -31.95 -4.30
CA TRP B 65 11.09 -31.87 -2.84
C TRP B 65 12.09 -32.80 -2.17
N ARG B 66 12.37 -33.93 -2.83
CA ARG B 66 13.31 -34.91 -2.32
C ARG B 66 14.72 -34.33 -2.24
N GLU B 67 14.99 -33.37 -3.13
CA GLU B 67 16.30 -32.74 -3.22
C GLU B 67 16.55 -31.78 -2.06
N HIS B 68 15.47 -31.35 -1.40
CA HIS B 68 15.57 -30.42 -0.29
C HIS B 68 14.97 -30.98 1.00
N TYR B 69 14.74 -32.29 1.02
CA TYR B 69 14.10 -32.92 2.18
C TYR B 69 15.09 -33.17 3.31
N GLY B 70 14.58 -33.03 4.54
CA GLY B 70 15.37 -33.27 5.74
C GLY B 70 14.59 -32.81 6.96
N ASN B 71 15.29 -32.61 8.07
CA ASN B 71 14.67 -32.05 9.25
C ASN B 71 15.01 -30.57 9.39
N PRO B 72 13.99 -29.70 9.36
CA PRO B 72 14.19 -28.25 9.38
C PRO B 72 14.81 -27.75 10.67
N ASP B 73 14.63 -28.51 11.76
CA ASP B 73 15.16 -28.12 13.05
C ASP B 73 16.66 -28.39 13.16
N THR B 74 17.16 -29.30 12.34
CA THR B 74 18.56 -29.72 12.44
C THR B 74 19.35 -29.57 11.13
N ASP B 75 18.71 -29.90 10.02
CA ASP B 75 19.40 -29.98 8.73
C ASP B 75 19.39 -28.66 7.97
N VAL B 76 20.59 -28.15 7.66
CA VAL B 76 20.74 -26.89 6.93
C VAL B 76 20.12 -26.94 5.53
N ASN B 77 19.33 -25.92 5.22
CA ASN B 77 18.67 -25.79 3.92
C ASN B 77 17.74 -26.94 3.57
N LYS B 78 17.12 -27.54 4.58
CA LYS B 78 16.21 -28.66 4.35
C LYS B 78 14.84 -28.41 4.98
N THR B 79 13.83 -29.10 4.45
CA THR B 79 12.47 -28.97 4.97
C THR B 79 11.68 -30.27 4.78
N ASP B 80 10.82 -30.57 5.73
CA ASP B 80 9.99 -31.77 5.66
C ASP B 80 8.63 -31.46 5.03
N ILE B 81 8.49 -30.23 4.53
CA ILE B 81 7.26 -29.81 3.86
C ILE B 81 7.34 -30.07 2.37
N LYS B 82 6.46 -30.95 1.89
CA LYS B 82 6.50 -31.41 0.52
C LYS B 82 5.20 -31.13 -0.20
N TRP B 83 4.29 -30.43 0.47
CA TRP B 83 2.96 -30.19 -0.06
C TRP B 83 2.73 -28.73 -0.45
N GLY B 84 1.53 -28.48 -0.99
CA GLY B 84 1.14 -27.15 -1.40
C GLY B 84 -0.07 -27.17 -2.33
N GLY B 85 -0.76 -26.05 -2.42
CA GLY B 85 -1.88 -25.90 -3.33
C GLY B 85 -1.46 -25.12 -4.56
N PHE B 86 -1.15 -25.83 -5.64
CA PHE B 86 -0.62 -25.20 -6.84
C PHE B 86 -1.68 -25.07 -7.93
N ILE B 87 -1.60 -23.99 -8.71
CA ILE B 87 -2.51 -23.78 -9.83
C ILE B 87 -1.86 -24.27 -11.12
N ASP B 88 -2.66 -24.32 -12.20
CA ASP B 88 -2.17 -24.74 -13.49
C ASP B 88 -1.95 -23.54 -14.42
N GLY B 89 -0.93 -23.63 -15.26
CA GLY B 89 -0.67 -22.59 -16.24
C GLY B 89 -0.12 -21.29 -15.68
N VAL B 90 0.69 -21.39 -14.63
CA VAL B 90 1.31 -20.23 -14.01
C VAL B 90 2.25 -19.52 -14.99
N ALA B 91 2.77 -20.28 -15.95
CA ALA B 91 3.70 -19.74 -16.94
C ALA B 91 2.98 -19.24 -18.18
N GLU B 92 1.67 -19.43 -18.22
CA GLU B 92 0.88 -19.10 -19.40
C GLU B 92 0.50 -17.62 -19.49
N PHE B 93 0.66 -17.05 -20.68
CA PHE B 93 0.34 -15.65 -20.91
C PHE B 93 0.12 -15.37 -22.39
N ASP B 94 -0.73 -14.39 -22.68
CA ASP B 94 -1.08 -14.02 -24.05
C ASP B 94 -0.64 -12.57 -24.28
N PRO B 95 0.67 -12.35 -24.43
CA PRO B 95 1.24 -10.99 -24.42
C PRO B 95 0.74 -10.07 -25.53
N LEU B 96 0.51 -10.60 -26.73
CA LEU B 96 0.03 -9.77 -27.84
C LEU B 96 -1.32 -9.12 -27.56
N PHE B 97 -2.14 -9.81 -26.76
CA PHE B 97 -3.42 -9.28 -26.33
C PHE B 97 -3.20 -7.97 -25.57
N PHE B 98 -2.22 -7.99 -24.67
CA PHE B 98 -1.94 -6.85 -23.82
C PHE B 98 -0.81 -5.97 -24.34
N GLY B 99 -0.58 -6.03 -25.65
CA GLY B 99 0.41 -5.20 -26.30
C GLY B 99 1.82 -5.38 -25.78
N ILE B 100 2.21 -6.62 -25.52
CA ILE B 100 3.56 -6.94 -25.08
C ILE B 100 4.19 -7.95 -26.04
N SER B 101 5.47 -7.77 -26.34
CA SER B 101 6.17 -8.68 -27.24
C SER B 101 6.49 -9.99 -26.53
N PRO B 102 6.58 -11.09 -27.29
CA PRO B 102 6.96 -12.39 -26.73
C PRO B 102 8.34 -12.32 -26.09
N ARG B 103 9.22 -11.52 -26.67
CA ARG B 103 10.57 -11.33 -26.16
C ARG B 103 10.57 -10.70 -24.77
N GLU B 104 9.70 -9.71 -24.56
CA GLU B 104 9.62 -9.01 -23.28
C GLU B 104 8.80 -9.79 -22.27
N ALA B 105 7.95 -10.70 -22.77
CA ALA B 105 7.06 -11.47 -21.90
C ALA B 105 7.83 -12.40 -20.96
N ASP B 106 9.03 -12.81 -21.39
CA ASP B 106 9.87 -13.67 -20.55
C ASP B 106 10.36 -12.95 -19.30
N TYR B 107 10.48 -11.63 -19.38
CA TYR B 107 10.96 -10.84 -18.26
C TYR B 107 9.83 -10.44 -17.32
N VAL B 108 8.60 -10.50 -17.80
CA VAL B 108 7.44 -10.11 -17.00
C VAL B 108 7.09 -11.18 -15.96
N ASP B 109 7.08 -10.78 -14.69
CA ASP B 109 6.72 -11.63 -13.57
C ASP B 109 5.33 -12.25 -13.79
N PRO B 110 5.20 -13.56 -13.52
CA PRO B 110 3.90 -14.23 -13.54
C PRO B 110 2.88 -13.55 -12.64
N GLN B 111 3.35 -12.86 -11.60
CA GLN B 111 2.49 -12.08 -10.73
C GLN B 111 1.77 -10.98 -11.51
N GLN B 112 2.47 -10.39 -12.47
CA GLN B 112 1.91 -9.31 -13.29
C GLN B 112 1.09 -9.86 -14.45
N ARG B 113 1.50 -11.02 -14.97
CA ARG B 113 0.81 -11.65 -16.08
C ARG B 113 -0.54 -12.20 -15.63
N LEU B 114 -0.56 -12.87 -14.48
CA LEU B 114 -1.80 -13.39 -13.91
C LEU B 114 -2.69 -12.23 -13.45
N LEU B 115 -2.06 -11.10 -13.13
CA LEU B 115 -2.80 -9.91 -12.72
C LEU B 115 -3.63 -9.38 -13.90
N MET B 116 -2.94 -9.05 -14.99
CA MET B 116 -3.61 -8.50 -16.17
C MET B 116 -4.69 -9.43 -16.70
N THR B 117 -4.36 -10.72 -16.77
CA THR B 117 -5.27 -11.73 -17.29
C THR B 117 -6.58 -11.77 -16.51
N TYR B 118 -6.50 -11.78 -15.19
CA TYR B 118 -7.70 -11.94 -14.37
C TYR B 118 -8.41 -10.64 -14.03
N VAL B 119 -7.74 -9.52 -14.21
CA VAL B 119 -8.42 -8.23 -14.15
C VAL B 119 -9.37 -8.13 -15.33
N TRP B 120 -8.90 -8.54 -16.49
CA TRP B 120 -9.71 -8.51 -17.71
C TRP B 120 -10.91 -9.44 -17.61
N LYS B 121 -10.68 -10.65 -17.10
CA LYS B 121 -11.75 -11.64 -16.96
C LYS B 121 -12.85 -11.15 -16.04
N ALA B 122 -12.46 -10.46 -14.97
CA ALA B 122 -13.42 -9.91 -14.03
C ALA B 122 -14.24 -8.79 -14.67
N LEU B 123 -13.60 -8.04 -15.57
CA LEU B 123 -14.28 -6.99 -16.31
C LEU B 123 -15.32 -7.59 -17.26
N GLU B 124 -14.93 -8.66 -17.95
CA GLU B 124 -15.84 -9.33 -18.88
C GLU B 124 -16.98 -10.02 -18.15
N ASP B 125 -16.70 -10.54 -16.96
CA ASP B 125 -17.74 -11.16 -16.15
C ASP B 125 -18.77 -10.13 -15.72
N ALA B 126 -18.31 -8.92 -15.43
CA ALA B 126 -19.20 -7.82 -15.05
C ALA B 126 -19.96 -7.31 -16.27
N GLY B 127 -19.43 -7.58 -17.46
CA GLY B 127 -20.03 -7.09 -18.69
C GLY B 127 -19.63 -5.66 -18.93
N CYS B 128 -18.42 -5.30 -18.50
CA CYS B 128 -17.89 -3.97 -18.70
C CYS B 128 -16.98 -3.91 -19.91
N SER B 129 -17.44 -3.21 -20.95
CA SER B 129 -16.62 -3.01 -22.14
C SER B 129 -15.42 -2.14 -21.79
N PRO B 130 -14.23 -2.55 -22.26
CA PRO B 130 -12.99 -1.82 -21.96
C PRO B 130 -13.02 -0.39 -22.49
N GLN B 131 -13.70 -0.18 -23.61
CA GLN B 131 -13.79 1.14 -24.21
C GLN B 131 -14.61 2.08 -23.33
N SER B 132 -15.46 1.51 -22.48
CA SER B 132 -16.23 2.30 -21.54
C SER B 132 -15.33 2.78 -20.40
N LEU B 133 -14.33 1.98 -20.08
CA LEU B 133 -13.41 2.27 -18.97
C LEU B 133 -12.34 3.30 -19.33
N SER B 134 -12.12 3.51 -20.62
CA SER B 134 -11.06 4.41 -21.07
C SER B 134 -11.31 5.85 -20.62
N GLY B 135 -10.39 6.38 -19.81
CA GLY B 135 -10.48 7.74 -19.33
C GLY B 135 -11.08 7.87 -17.95
N THR B 136 -11.77 6.83 -17.50
CA THR B 136 -12.43 6.87 -16.20
C THR B 136 -11.41 6.87 -15.06
N GLY B 137 -11.79 7.45 -13.93
CA GLY B 137 -10.97 7.40 -12.74
C GLY B 137 -11.22 6.12 -11.98
N THR B 138 -10.83 5.00 -12.58
CA THR B 138 -11.04 3.68 -11.98
C THR B 138 -9.77 3.19 -11.30
N GLY B 139 -9.88 2.77 -10.05
CA GLY B 139 -8.74 2.35 -9.28
C GLY B 139 -8.44 0.86 -9.35
N ILE B 140 -7.19 0.50 -9.09
CA ILE B 140 -6.78 -0.89 -8.99
C ILE B 140 -5.99 -1.11 -7.72
N PHE B 141 -6.37 -2.12 -6.93
CA PHE B 141 -5.67 -2.44 -5.69
C PHE B 141 -5.50 -3.95 -5.57
N ILE B 142 -4.27 -4.41 -5.73
CA ILE B 142 -4.00 -5.85 -5.79
C ILE B 142 -3.01 -6.33 -4.74
N GLY B 143 -3.35 -7.42 -4.06
CA GLY B 143 -2.42 -8.07 -3.16
C GLY B 143 -1.35 -8.79 -3.96
N THR B 144 -0.15 -8.23 -3.97
CA THR B 144 0.95 -8.79 -4.75
C THR B 144 2.30 -8.48 -4.13
N GLY B 145 3.35 -9.09 -4.68
CA GLY B 145 4.71 -8.86 -4.21
C GLY B 145 5.71 -9.72 -4.95
N ASN B 146 6.89 -9.90 -4.35
CA ASN B 146 7.91 -10.78 -4.92
C ASN B 146 7.68 -12.23 -4.49
N THR B 147 7.77 -13.15 -5.46
CA THR B 147 7.56 -14.57 -5.17
C THR B 147 8.68 -15.45 -5.71
N GLY B 148 9.72 -14.83 -6.27
CA GLY B 148 10.91 -15.57 -6.65
C GLY B 148 11.25 -15.63 -8.13
N TYR B 149 10.53 -14.89 -8.96
CA TYR B 149 10.81 -14.90 -10.39
C TYR B 149 12.17 -14.27 -10.70
N LYS B 150 12.52 -13.22 -9.95
CA LYS B 150 13.82 -12.59 -10.11
C LYS B 150 14.91 -13.52 -9.61
N ASP B 151 14.56 -14.37 -8.64
CA ASP B 151 15.50 -15.33 -8.08
C ASP B 151 15.82 -16.44 -9.07
N LEU B 152 14.88 -16.70 -9.98
CA LEU B 152 15.08 -17.71 -11.02
C LEU B 152 16.03 -17.20 -12.11
N PHE B 153 15.96 -15.90 -12.38
CA PHE B 153 16.89 -15.26 -13.29
C PHE B 153 18.31 -15.34 -12.74
N HIS B 154 18.43 -15.07 -11.45
CA HIS B 154 19.68 -15.15 -10.71
C HIS B 154 20.33 -16.53 -10.86
N ARG B 155 19.62 -17.57 -10.39
CA ARG B 155 20.07 -18.96 -10.48
C ARG B 155 20.62 -19.38 -11.85
N ALA B 156 19.83 -19.13 -12.90
CA ALA B 156 20.22 -19.45 -14.26
C ALA B 156 21.37 -18.57 -14.76
N ASN B 157 21.97 -17.79 -13.86
CA ASN B 157 23.09 -16.90 -14.18
C ASN B 157 22.82 -16.04 -15.41
N LEU B 158 21.61 -15.49 -15.48
CA LEU B 158 21.19 -14.70 -16.63
C LEU B 158 21.63 -13.25 -16.54
N PRO B 159 22.01 -12.67 -17.68
CA PRO B 159 22.45 -11.26 -17.76
C PRO B 159 21.38 -10.29 -17.27
N ILE B 160 21.81 -9.30 -16.48
CA ILE B 160 20.92 -8.25 -16.03
C ILE B 160 20.57 -7.35 -17.21
N GLU B 161 19.31 -7.41 -17.65
CA GLU B 161 18.88 -6.62 -18.80
C GLU B 161 17.99 -5.47 -18.37
N GLY B 162 17.76 -4.52 -19.29
CA GLY B 162 16.95 -3.36 -19.00
C GLY B 162 15.51 -3.71 -18.70
N HIS B 163 15.01 -4.77 -19.33
CA HIS B 163 13.63 -5.20 -19.16
C HIS B 163 13.34 -5.63 -17.72
N ALA B 164 14.38 -6.01 -16.99
CA ALA B 164 14.22 -6.51 -15.63
C ALA B 164 13.63 -5.47 -14.68
N ALA B 165 13.89 -4.20 -14.96
CA ALA B 165 13.40 -3.10 -14.14
C ALA B 165 11.88 -3.12 -13.98
N THR B 166 11.17 -3.08 -15.11
CA THR B 166 9.71 -3.07 -15.09
C THR B 166 9.17 -4.50 -15.18
N GLY B 167 10.06 -5.44 -15.46
CA GLY B 167 9.67 -6.83 -15.64
C GLY B 167 9.40 -7.56 -14.33
N HIS B 168 10.36 -7.52 -13.42
CA HIS B 168 10.25 -8.30 -12.19
C HIS B 168 11.01 -7.72 -10.99
N MET B 169 11.30 -6.41 -11.03
CA MET B 169 12.02 -5.78 -9.93
C MET B 169 11.14 -4.84 -9.10
N ILE B 170 10.06 -4.35 -9.70
CA ILE B 170 9.18 -3.40 -9.04
C ILE B 170 7.72 -3.87 -9.09
N PRO B 171 7.25 -4.51 -8.00
CA PRO B 171 5.92 -5.14 -7.92
C PRO B 171 4.74 -4.22 -8.23
N SER B 172 4.94 -2.91 -8.07
CA SER B 172 3.86 -1.95 -8.32
C SER B 172 3.56 -1.80 -9.81
N VAL B 173 4.50 -2.23 -10.65
CA VAL B 173 4.32 -2.17 -12.09
C VAL B 173 3.15 -3.06 -12.52
N GLY B 174 2.92 -4.12 -11.75
CA GLY B 174 1.81 -5.03 -11.98
C GLY B 174 0.47 -4.34 -12.21
N PRO B 175 -0.08 -3.72 -11.15
CA PRO B 175 -1.32 -2.95 -11.30
C PRO B 175 -1.14 -1.75 -12.23
N ASN B 176 0.02 -1.09 -12.15
CA ASN B 176 0.30 0.07 -12.99
C ASN B 176 0.24 -0.26 -14.48
N ARG B 177 0.69 -1.45 -14.85
CA ARG B 177 0.71 -1.87 -16.24
C ARG B 177 -0.71 -2.07 -16.76
N MET B 178 -1.60 -2.56 -15.89
CA MET B 178 -2.99 -2.76 -16.27
C MET B 178 -3.71 -1.41 -16.38
N SER B 179 -3.41 -0.51 -15.46
CA SER B 179 -3.95 0.85 -15.51
C SER B 179 -3.54 1.53 -16.81
N TYR B 180 -2.27 1.36 -17.19
CA TYR B 180 -1.75 1.87 -18.44
C TYR B 180 -2.48 1.26 -19.63
N PHE B 181 -2.80 -0.03 -19.52
CA PHE B 181 -3.48 -0.76 -20.60
C PHE B 181 -4.94 -0.36 -20.70
N LEU B 182 -5.60 -0.17 -19.56
CA LEU B 182 -7.02 0.16 -19.54
C LEU B 182 -7.28 1.66 -19.68
N ASN B 183 -6.22 2.44 -19.66
CA ASN B 183 -6.32 3.91 -19.69
C ASN B 183 -7.21 4.44 -18.56
N ILE B 184 -6.97 3.95 -17.35
CA ILE B 184 -7.71 4.41 -16.18
C ILE B 184 -6.80 5.26 -15.27
N HIS B 185 -7.40 6.18 -14.54
CA HIS B 185 -6.63 7.20 -13.84
C HIS B 185 -6.78 7.17 -12.32
N GLY B 186 -7.49 6.18 -11.80
CA GLY B 186 -7.63 6.03 -10.35
C GLY B 186 -6.31 5.58 -9.74
N PRO B 187 -6.26 5.49 -8.39
CA PRO B 187 -5.07 4.96 -7.73
C PRO B 187 -4.76 3.55 -8.19
N SER B 188 -3.50 3.28 -8.48
CA SER B 188 -3.08 1.97 -8.98
C SER B 188 -1.96 1.42 -8.10
N GLU B 189 -2.32 0.53 -7.17
CA GLU B 189 -1.40 0.14 -6.11
C GLU B 189 -1.31 -1.36 -5.84
N PRO B 190 -0.11 -1.82 -5.48
CA PRO B 190 0.07 -3.14 -4.88
C PRO B 190 -0.22 -3.04 -3.38
N VAL B 191 -0.91 -4.03 -2.83
CA VAL B 191 -1.17 -4.05 -1.40
C VAL B 191 -0.47 -5.25 -0.78
N GLU B 192 0.45 -4.98 0.13
CA GLU B 192 1.23 -6.05 0.75
C GLU B 192 1.23 -5.91 2.27
N THR B 193 0.30 -6.59 2.92
CA THR B 193 0.27 -6.65 4.38
C THR B 193 0.30 -8.11 4.81
N ALA B 194 1.15 -8.87 4.12
CA ALA B 194 1.21 -10.33 4.27
C ALA B 194 -0.12 -11.00 3.94
N SER B 196 -3.03 -10.62 4.88
CA SER B 196 -4.23 -9.78 4.88
C SER B 196 -4.37 -9.05 3.55
N SER B 197 -3.30 -9.07 2.77
CA SER B 197 -3.14 -8.23 1.58
C SER B 197 -4.36 -8.06 0.68
N SER B 198 -4.95 -9.18 0.27
CA SER B 198 -6.05 -9.15 -0.69
C SER B 198 -7.32 -8.56 -0.08
N LEU B 199 -7.51 -8.76 1.22
CA LEU B 199 -8.70 -8.24 1.89
C LEU B 199 -8.52 -6.78 2.27
N VAL B 200 -7.27 -6.39 2.52
CA VAL B 200 -6.95 -4.99 2.75
C VAL B 200 -7.16 -4.22 1.45
N ALA B 201 -6.89 -4.89 0.33
CA ALA B 201 -7.13 -4.32 -0.98
C ALA B 201 -8.59 -3.95 -1.17
N ILE B 202 -9.48 -4.83 -0.69
CA ILE B 202 -10.91 -4.56 -0.72
C ILE B 202 -11.23 -3.33 0.13
N HIS B 203 -10.69 -3.32 1.35
CA HIS B 203 -10.88 -2.20 2.26
C HIS B 203 -10.35 -0.90 1.66
N ARG B 204 -9.14 -0.97 1.12
CA ARG B 204 -8.51 0.18 0.48
C ARG B 204 -9.31 0.67 -0.72
N ALA B 205 -9.82 -0.27 -1.51
CA ALA B 205 -10.61 0.05 -2.69
C ALA B 205 -11.94 0.68 -2.29
N VAL B 206 -12.63 0.05 -1.34
CA VAL B 206 -13.91 0.55 -0.86
C VAL B 206 -13.75 1.95 -0.27
N THR B 207 -12.67 2.14 0.48
CA THR B 207 -12.35 3.44 1.07
C THR B 207 -12.10 4.50 0.00
N ALA B 208 -11.41 4.12 -1.07
CA ALA B 208 -11.12 5.04 -2.16
C ALA B 208 -12.38 5.52 -2.87
N MET B 209 -13.42 4.67 -2.88
CA MET B 209 -14.67 4.99 -3.55
C MET B 209 -15.57 5.89 -2.69
N GLN B 210 -15.21 6.02 -1.41
CA GLN B 210 -15.99 6.85 -0.48
C GLN B 210 -15.49 8.29 -0.47
N ASN B 211 -14.18 8.48 -0.66
CA ASN B 211 -13.60 9.83 -0.66
C ASN B 211 -13.32 10.37 -2.05
N GLY B 212 -13.71 9.62 -3.07
CA GLY B 212 -13.61 10.08 -4.44
C GLY B 212 -12.23 10.01 -5.06
N ASP B 213 -11.37 9.17 -4.51
CA ASP B 213 -10.08 8.89 -5.15
C ASP B 213 -10.34 8.15 -6.45
N CYS B 214 -11.44 7.39 -6.47
CA CYS B 214 -11.91 6.74 -7.69
C CYS B 214 -13.43 6.56 -7.63
N GLU B 215 -14.02 6.17 -8.74
CA GLU B 215 -15.47 5.99 -8.82
C GLU B 215 -15.78 4.50 -8.83
N MET B 216 -14.94 3.74 -9.52
CA MET B 216 -15.03 2.28 -9.55
C MET B 216 -13.68 1.71 -9.20
N ALA B 217 -13.64 0.44 -8.82
CA ALA B 217 -12.38 -0.18 -8.43
C ALA B 217 -12.29 -1.66 -8.81
N ILE B 218 -11.06 -2.12 -9.00
CA ILE B 218 -10.79 -3.53 -9.21
C ILE B 218 -9.84 -3.98 -8.12
N ALA B 219 -10.28 -4.92 -7.30
CA ALA B 219 -9.46 -5.39 -6.19
C ALA B 219 -9.27 -6.90 -6.25
N GLY B 220 -8.24 -7.39 -5.57
CA GLY B 220 -7.96 -8.82 -5.55
C GLY B 220 -6.56 -9.14 -5.09
N GLY B 221 -6.12 -10.36 -5.37
CA GLY B 221 -4.80 -10.81 -4.98
C GLY B 221 -4.23 -11.86 -5.91
N VAL B 222 -2.91 -11.94 -5.96
CA VAL B 222 -2.21 -12.94 -6.76
C VAL B 222 -1.08 -13.53 -5.93
N ASN B 223 -1.05 -14.86 -5.83
CA ASN B 223 0.00 -15.52 -5.07
C ASN B 223 0.57 -16.74 -5.80
N THR B 224 1.87 -16.70 -6.07
CA THR B 224 2.53 -17.80 -6.75
C THR B 224 3.70 -18.33 -5.92
N ILE B 225 3.96 -19.63 -6.07
CA ILE B 225 5.06 -20.27 -5.35
C ILE B 225 6.09 -20.77 -6.36
N LEU B 226 7.16 -20.00 -6.53
CA LEU B 226 8.08 -20.24 -7.64
C LEU B 226 9.40 -20.92 -7.23
N THR B 227 9.82 -20.73 -5.98
CA THR B 227 11.01 -21.41 -5.48
C THR B 227 10.72 -22.12 -4.16
N GLU B 228 11.71 -22.87 -3.67
CA GLU B 228 11.57 -23.63 -2.44
C GLU B 228 12.00 -22.83 -1.21
N GLU B 229 12.56 -21.64 -1.45
CA GLU B 229 13.12 -20.82 -0.38
C GLU B 229 12.10 -20.48 0.71
N ALA B 230 10.95 -19.95 0.31
CA ALA B 230 9.91 -19.60 1.26
C ALA B 230 9.43 -20.82 2.04
N HIS B 231 9.33 -21.96 1.35
CA HIS B 231 8.94 -23.21 1.97
C HIS B 231 9.89 -23.56 3.14
N ILE B 232 11.19 -23.46 2.87
CA ILE B 232 12.22 -23.79 3.85
C ILE B 232 12.23 -22.83 5.05
N SER B 233 12.20 -21.53 4.76
CA SER B 233 12.22 -20.51 5.80
C SER B 233 10.96 -20.54 6.67
N TYR B 234 9.80 -20.65 6.04
CA TYR B 234 8.53 -20.69 6.77
C TYR B 234 8.46 -21.96 7.61
N SER B 235 9.02 -23.04 7.09
CA SER B 235 9.06 -24.31 7.81
C SER B 235 9.90 -24.18 9.07
N LYS B 236 11.10 -23.62 8.92
CA LYS B 236 12.00 -23.41 10.05
C LYS B 236 11.47 -22.33 10.99
N ALA B 237 10.51 -21.55 10.51
CA ALA B 237 9.86 -20.54 11.34
C ALA B 237 8.70 -21.15 12.12
N GLY B 238 8.40 -22.42 11.83
CA GLY B 238 7.33 -23.13 12.50
C GLY B 238 5.95 -22.66 12.11
N MET B 239 5.80 -22.29 10.84
CA MET B 239 4.53 -21.78 10.33
C MET B 239 3.73 -22.86 9.61
N LEU B 240 4.42 -23.88 9.11
CA LEU B 240 3.80 -24.85 8.22
C LEU B 240 3.44 -26.17 8.90
N SER B 241 2.45 -26.85 8.34
CA SER B 241 1.99 -28.14 8.86
C SER B 241 2.80 -29.29 8.27
N THR B 242 3.28 -30.18 9.14
CA THR B 242 4.06 -31.34 8.69
C THR B 242 3.17 -32.39 8.04
N ASP B 243 1.87 -32.17 8.08
CA ASP B 243 0.92 -33.06 7.43
C ASP B 243 0.48 -32.51 6.08
N GLY B 244 0.77 -31.23 5.86
CA GLY B 244 0.49 -30.58 4.59
C GLY B 244 -0.95 -30.16 4.40
N ARG B 245 -1.70 -30.06 5.50
CA ARG B 245 -3.10 -29.68 5.44
C ARG B 245 -3.46 -28.61 6.46
N CYS B 246 -4.31 -27.66 6.06
CA CYS B 246 -4.87 -26.69 6.99
C CYS B 246 -6.08 -27.29 7.68
N LYS B 247 -5.84 -28.03 8.75
CA LYS B 247 -6.92 -28.66 9.51
C LYS B 247 -7.54 -27.65 10.47
N THR B 248 -8.21 -26.65 9.91
CA THR B 248 -8.77 -25.56 10.69
C THR B 248 -9.87 -26.04 11.64
N PHE B 249 -9.92 -25.44 12.83
CA PHE B 249 -10.86 -25.78 13.90
C PHE B 249 -10.64 -27.17 14.50
N SER B 250 -9.70 -27.93 13.94
CA SER B 250 -9.44 -29.29 14.39
C SER B 250 -8.56 -29.34 15.62
N ALA B 251 -8.45 -30.52 16.21
CA ALA B 251 -7.58 -30.73 17.36
C ALA B 251 -6.22 -31.22 16.90
N ASP B 252 -6.08 -31.40 15.59
CA ASP B 252 -4.81 -31.81 15.00
C ASP B 252 -4.10 -30.62 14.37
N ALA B 253 -4.63 -29.43 14.61
CA ALA B 253 -4.08 -28.20 14.05
C ALA B 253 -2.61 -28.02 14.42
N ASN B 254 -1.75 -28.01 13.40
CA ASN B 254 -0.31 -27.96 13.62
C ASN B 254 0.39 -26.99 12.67
N GLY B 255 -0.38 -26.13 12.02
CA GLY B 255 0.17 -25.18 11.07
C GLY B 255 -0.62 -25.16 9.78
N TYR B 256 -0.14 -24.42 8.78
CA TYR B 256 -0.86 -24.32 7.52
C TYR B 256 -0.08 -24.86 6.32
N VAL B 257 -0.77 -25.01 5.20
CA VAL B 257 -0.16 -25.42 3.95
C VAL B 257 -0.24 -24.30 2.92
N ARG B 258 0.85 -24.05 2.19
CA ARG B 258 0.93 -22.93 1.27
C ARG B 258 0.16 -23.19 -0.01
N GLY B 259 -0.46 -22.14 -0.55
CA GLY B 259 -1.28 -22.27 -1.75
C GLY B 259 -1.10 -21.14 -2.75
N GLU B 260 -1.37 -21.46 -4.01
CA GLU B 260 -1.33 -20.47 -5.09
C GLU B 260 -2.74 -20.09 -5.49
N GLY B 261 -2.85 -19.01 -6.24
CA GLY B 261 -4.15 -18.60 -6.75
C GLY B 261 -4.21 -17.14 -7.17
N VAL B 262 -5.31 -16.78 -7.80
CA VAL B 262 -5.56 -15.42 -8.22
C VAL B 262 -7.07 -15.19 -8.17
N GLY B 263 -7.49 -14.02 -7.70
CA GLY B 263 -8.90 -13.70 -7.62
C GLY B 263 -9.11 -12.21 -7.80
N MET B 264 -10.13 -11.86 -8.57
CA MET B 264 -10.43 -10.46 -8.82
C MET B 264 -11.90 -10.16 -8.60
N VAL B 265 -12.19 -8.93 -8.16
CA VAL B 265 -13.56 -8.46 -8.07
C VAL B 265 -13.64 -7.05 -8.64
N MET B 266 -14.72 -6.75 -9.34
CA MET B 266 -14.95 -5.38 -9.81
C MET B 266 -15.97 -4.71 -8.91
N LEU B 267 -15.62 -3.53 -8.41
CA LEU B 267 -16.45 -2.85 -7.43
C LEU B 267 -17.10 -1.58 -7.98
N LYS B 268 -18.41 -1.48 -7.79
CA LYS B 268 -19.15 -0.27 -8.14
C LYS B 268 -20.04 0.12 -6.98
N LYS B 269 -20.31 1.41 -6.84
CA LYS B 269 -21.27 1.88 -5.85
C LYS B 269 -22.61 1.23 -6.12
N LEU B 270 -23.31 0.85 -5.06
CA LEU B 270 -24.59 0.15 -5.19
C LEU B 270 -25.60 0.97 -5.99
N GLU B 271 -25.58 2.28 -5.80
CA GLU B 271 -26.44 3.19 -6.54
C GLU B 271 -26.24 3.03 -8.04
N ASP B 272 -24.98 3.09 -8.46
CA ASP B 272 -24.63 3.02 -9.88
C ASP B 272 -24.92 1.65 -10.50
N ALA B 273 -24.58 0.59 -9.77
CA ALA B 273 -24.82 -0.78 -10.25
C ALA B 273 -26.32 -1.03 -10.42
N GLU B 274 -27.11 -0.47 -9.52
CA GLU B 274 -28.56 -0.60 -9.57
C GLU B 274 -29.12 0.22 -10.72
N ARG B 275 -28.33 1.18 -11.18
CA ARG B 275 -28.79 2.16 -12.15
C ARG B 275 -28.24 1.86 -13.54
N ASP B 276 -27.16 1.09 -13.60
CA ASP B 276 -26.52 0.79 -14.88
C ASP B 276 -26.84 -0.62 -15.40
N GLY B 277 -27.63 -1.36 -14.64
CA GLY B 277 -28.06 -2.68 -15.08
C GLY B 277 -27.04 -3.78 -14.82
N ASN B 278 -26.12 -3.54 -13.88
CA ASN B 278 -25.15 -4.56 -13.50
C ASN B 278 -25.81 -5.72 -12.78
N HIS B 279 -25.22 -6.91 -12.90
CA HIS B 279 -25.62 -8.03 -12.06
C HIS B 279 -24.72 -8.01 -10.82
N ILE B 280 -25.33 -8.31 -9.66
CA ILE B 280 -24.63 -8.13 -8.39
C ILE B 280 -24.48 -9.44 -7.61
N TYR B 281 -23.24 -9.76 -7.24
CA TYR B 281 -22.97 -10.94 -6.45
C TYR B 281 -23.29 -10.70 -4.97
N GLY B 282 -22.97 -9.51 -4.51
CA GLY B 282 -23.19 -9.15 -3.11
C GLY B 282 -22.88 -7.69 -2.85
N VAL B 283 -23.25 -7.22 -1.66
CA VAL B 283 -23.02 -5.82 -1.30
C VAL B 283 -22.14 -5.73 -0.06
N ILE B 284 -21.14 -4.85 -0.11
CA ILE B 284 -20.26 -4.62 1.03
C ILE B 284 -20.83 -3.50 1.91
N ARG B 285 -21.31 -3.87 3.09
CA ARG B 285 -21.95 -2.92 3.99
C ARG B 285 -20.94 -2.28 4.94
N GLY B 286 -19.78 -2.91 5.11
CA GLY B 286 -18.76 -2.39 6.00
C GLY B 286 -17.40 -3.05 5.86
N THR B 287 -16.35 -2.27 6.09
CA THR B 287 -14.98 -2.76 6.04
C THR B 287 -14.21 -2.26 7.26
N ALA B 288 -13.12 -2.94 7.61
CA ALA B 288 -12.31 -2.55 8.75
C ALA B 288 -10.87 -3.05 8.65
N GLU B 289 -9.92 -2.20 9.02
CA GLU B 289 -8.51 -2.56 9.03
C GLU B 289 -7.82 -2.00 10.28
N ASN B 290 -7.04 -2.84 10.95
CA ASN B 290 -6.23 -2.37 12.07
C ASN B 290 -4.96 -3.19 12.27
N HIS B 291 -4.18 -2.83 13.29
CA HIS B 291 -3.00 -3.62 13.65
C HIS B 291 -3.14 -4.12 15.08
N GLY B 292 -2.58 -5.28 15.36
CA GLY B 292 -2.71 -5.90 16.67
C GLY B 292 -1.96 -5.21 17.78
N GLY B 293 -1.11 -4.25 17.42
CA GLY B 293 -0.28 -3.55 18.39
C GLY B 293 0.71 -4.51 19.02
N ARG B 294 0.97 -4.33 20.31
CA ARG B 294 1.85 -5.25 21.03
C ARG B 294 1.11 -6.53 21.39
N ALA B 295 1.60 -7.66 20.90
CA ALA B 295 1.06 -8.96 21.25
C ALA B 295 2.10 -9.74 22.05
N ASN B 296 1.86 -11.03 22.24
CA ASN B 296 2.81 -11.86 22.98
C ASN B 296 4.13 -11.99 22.22
N THR B 297 4.03 -12.19 20.91
CA THR B 297 5.18 -12.10 20.02
C THR B 297 4.80 -11.29 18.79
N LEU B 298 5.79 -10.99 17.95
CA LEU B 298 5.56 -10.24 16.71
C LEU B 298 4.53 -10.93 15.82
N THR B 299 4.59 -12.26 15.81
CA THR B 299 3.72 -13.04 14.94
C THR B 299 2.56 -13.70 15.71
N SER B 300 2.25 -13.16 16.88
CA SER B 300 1.12 -13.64 17.66
C SER B 300 -0.13 -12.81 17.41
N PRO B 301 -1.24 -13.47 17.06
CA PRO B 301 -2.51 -12.76 16.90
C PRO B 301 -3.06 -12.25 18.23
N ASN B 302 -3.71 -11.09 18.20
CA ASN B 302 -4.27 -10.47 19.38
C ASN B 302 -5.79 -10.44 19.30
N PRO B 303 -6.46 -11.21 20.18
CA PRO B 303 -7.93 -11.36 20.14
C PRO B 303 -8.67 -10.10 20.57
N LYS B 304 -8.01 -9.24 21.35
CA LYS B 304 -8.62 -7.97 21.72
C LYS B 304 -8.72 -7.09 20.49
N ALA B 305 -7.67 -7.12 19.67
CA ALA B 305 -7.61 -6.31 18.46
C ALA B 305 -8.54 -6.83 17.37
N GLN B 306 -8.65 -8.16 17.27
CA GLN B 306 -9.55 -8.78 16.30
C GLN B 306 -11.00 -8.51 16.69
N ALA B 307 -11.25 -8.42 18.00
CA ALA B 307 -12.58 -8.10 18.50
C ALA B 307 -12.96 -6.66 18.16
N ASP B 308 -12.06 -5.73 18.47
CA ASP B 308 -12.28 -4.32 18.16
C ASP B 308 -12.44 -4.09 16.65
N LEU B 309 -11.72 -4.89 15.86
CA LEU B 309 -11.80 -4.81 14.41
C LEU B 309 -13.21 -5.09 13.91
N LEU B 310 -13.74 -6.24 14.31
CA LEU B 310 -15.08 -6.67 13.92
C LEU B 310 -16.15 -5.66 14.34
N VAL B 311 -16.01 -5.16 15.57
CA VAL B 311 -16.94 -4.16 16.12
C VAL B 311 -17.05 -2.94 15.22
N ARG B 312 -15.90 -2.43 14.78
CA ARG B 312 -15.86 -1.27 13.90
C ARG B 312 -16.53 -1.55 12.56
N ALA B 313 -16.37 -2.76 12.07
CA ALA B 313 -16.92 -3.16 10.78
C ALA B 313 -18.46 -3.21 10.80
N TYR B 314 -19.02 -3.81 11.83
CA TYR B 314 -20.47 -4.00 11.91
C TYR B 314 -21.20 -2.75 12.38
N ARG B 315 -20.51 -1.89 13.14
CA ARG B 315 -21.07 -0.60 13.51
C ARG B 315 -21.18 0.29 12.27
N GLN B 316 -20.18 0.20 11.40
CA GLN B 316 -20.21 0.93 10.14
C GLN B 316 -21.33 0.40 9.25
N ALA B 317 -21.43 -0.92 9.16
CA ALA B 317 -22.47 -1.56 8.36
C ALA B 317 -23.86 -1.26 8.93
N ASP B 318 -23.91 -1.00 10.22
CA ASP B 318 -25.16 -0.71 10.92
C ASP B 318 -26.15 -1.85 10.77
N ILE B 319 -25.70 -3.07 11.10
CA ILE B 319 -26.56 -4.24 11.08
C ILE B 319 -26.51 -4.97 12.42
N ASP B 320 -27.62 -5.59 12.80
CA ASP B 320 -27.70 -6.33 14.05
C ASP B 320 -27.04 -7.70 13.91
N PRO B 321 -26.14 -8.04 14.86
CA PRO B 321 -25.31 -9.25 14.84
C PRO B 321 -26.11 -10.55 14.70
N SER B 322 -27.33 -10.57 15.23
CA SER B 322 -28.16 -11.77 15.19
C SER B 322 -28.59 -12.14 13.78
N THR B 323 -28.32 -11.24 12.83
CA THR B 323 -28.67 -11.48 11.43
C THR B 323 -27.47 -11.96 10.62
N VAL B 324 -26.29 -11.94 11.24
CA VAL B 324 -25.09 -12.47 10.60
C VAL B 324 -25.03 -13.98 10.76
N THR B 325 -25.22 -14.70 9.66
CA THR B 325 -25.43 -16.15 9.73
C THR B 325 -24.23 -17.00 9.29
N TYR B 326 -23.15 -16.35 8.87
CA TYR B 326 -21.93 -17.08 8.51
C TYR B 326 -20.67 -16.23 8.63
N ILE B 327 -19.57 -16.87 9.00
CA ILE B 327 -18.28 -16.20 9.10
C ILE B 327 -17.19 -17.00 8.40
N GLU B 328 -16.63 -16.44 7.33
CA GLU B 328 -15.45 -17.02 6.72
C GLU B 328 -14.24 -16.59 7.53
N ALA B 329 -13.75 -17.50 8.38
CA ALA B 329 -12.63 -17.18 9.25
C ALA B 329 -11.33 -17.10 8.47
N HIS B 330 -10.34 -16.41 9.05
CA HIS B 330 -8.99 -16.44 8.51
C HIS B 330 -8.51 -17.88 8.60
N GLY B 331 -8.85 -18.51 9.73
CA GLY B 331 -8.66 -19.93 9.97
C GLY B 331 -7.57 -20.86 9.45
N THR B 332 -6.33 -20.40 9.53
CA THR B 332 -5.21 -21.15 9.00
C THR B 332 -4.90 -22.56 9.49
N GLY B 333 -5.49 -22.95 10.61
CA GLY B 333 -5.30 -24.27 11.15
C GLY B 333 -4.12 -24.34 12.12
N THR B 334 -3.99 -23.32 12.95
CA THR B 334 -2.95 -23.31 13.98
C THR B 334 -3.58 -23.62 15.34
N GLU B 335 -2.83 -24.35 16.16
CA GLU B 335 -3.31 -24.79 17.47
C GLU B 335 -3.68 -23.62 18.37
N LEU B 336 -2.99 -22.50 18.19
CA LEU B 336 -3.17 -21.34 19.06
C LEU B 336 -4.01 -20.25 18.42
N GLY B 337 -3.83 -20.05 17.12
CA GLY B 337 -4.54 -18.99 16.40
C GLY B 337 -6.02 -19.23 16.25
N ASP B 338 -6.39 -20.45 15.89
CA ASP B 338 -7.80 -20.82 15.72
C ASP B 338 -8.68 -20.51 16.94
N PRO B 339 -8.25 -20.91 18.15
CA PRO B 339 -9.05 -20.53 19.32
C PRO B 339 -9.04 -19.01 19.55
N ILE B 340 -7.92 -18.37 19.26
CA ILE B 340 -7.79 -16.93 19.42
C ILE B 340 -8.76 -16.17 18.52
N GLU B 341 -8.90 -16.64 17.28
CA GLU B 341 -9.83 -16.03 16.34
C GLU B 341 -11.27 -16.17 16.82
N ILE B 342 -11.60 -17.33 17.36
CA ILE B 342 -12.94 -17.58 17.88
C ILE B 342 -13.26 -16.68 19.06
N ASN B 343 -12.26 -16.44 19.92
CA ASN B 343 -12.44 -15.57 21.08
C ASN B 343 -12.73 -14.15 20.66
N GLY B 344 -12.09 -13.73 19.58
CA GLY B 344 -12.32 -12.40 19.03
C GLY B 344 -13.74 -12.27 18.52
N LEU B 345 -14.23 -13.32 17.85
CA LEU B 345 -15.58 -13.32 17.31
C LEU B 345 -16.64 -13.25 18.41
N LYS B 346 -16.46 -14.08 19.43
CA LYS B 346 -17.40 -14.13 20.55
C LYS B 346 -17.46 -12.79 21.29
N ALA B 347 -16.29 -12.22 21.56
CA ALA B 347 -16.18 -10.95 22.27
C ALA B 347 -16.77 -9.80 21.45
N ALA B 348 -16.55 -9.85 20.13
CA ALA B 348 -17.06 -8.81 19.24
C ALA B 348 -18.59 -8.82 19.18
N PHE B 349 -19.16 -10.00 18.99
CA PHE B 349 -20.61 -10.14 18.87
C PHE B 349 -21.30 -9.92 20.22
N LYS B 350 -20.62 -10.23 21.30
CA LYS B 350 -21.14 -9.95 22.64
C LYS B 350 -21.26 -8.44 22.86
N GLU B 351 -20.17 -7.73 22.56
CA GLU B 351 -20.12 -6.28 22.72
C GLU B 351 -21.09 -5.58 21.78
N LEU B 352 -21.26 -6.13 20.58
CA LEU B 352 -22.17 -5.56 19.60
C LEU B 352 -23.63 -5.68 20.05
N SER B 353 -23.97 -6.79 20.68
CA SER B 353 -25.32 -6.98 21.21
C SER B 353 -25.58 -6.03 22.37
N ASN B 354 -24.53 -5.76 23.14
CA ASN B 354 -24.62 -4.89 24.31
C ASN B 354 -24.94 -3.44 23.99
N MET B 355 -24.27 -2.89 22.98
CA MET B 355 -24.46 -1.49 22.60
C MET B 355 -25.79 -1.24 21.90
N ARG B 356 -26.67 -2.23 21.93
CA ARG B 356 -28.02 -2.11 21.38
C ARG B 356 -29.02 -1.74 22.47
N ASP B 365 -32.90 -16.39 18.75
CA ASP B 365 -31.76 -17.28 18.93
C ASP B 365 -30.78 -17.20 17.77
N HIS B 366 -29.77 -16.35 17.90
CA HIS B 366 -28.75 -16.19 16.86
C HIS B 366 -27.94 -17.46 16.68
N ARG B 367 -27.82 -17.90 15.43
CA ARG B 367 -26.98 -19.05 15.10
C ARG B 367 -26.14 -18.70 13.87
N CYS B 368 -24.83 -18.87 14.00
CA CYS B 368 -23.91 -18.43 12.96
C CYS B 368 -22.82 -19.46 12.67
N GLY B 369 -22.65 -19.79 11.40
CA GLY B 369 -21.66 -20.78 10.98
C GLY B 369 -20.27 -20.22 10.82
N ILE B 370 -19.27 -21.07 10.95
CA ILE B 370 -17.88 -20.69 10.75
C ILE B 370 -17.15 -21.70 9.87
N GLY B 371 -16.49 -21.22 8.83
CA GLY B 371 -15.75 -22.08 7.93
C GLY B 371 -14.49 -21.43 7.40
N SER B 372 -13.66 -22.23 6.73
CA SER B 372 -12.42 -21.73 6.14
C SER B 372 -12.10 -22.46 4.85
N VAL B 373 -11.99 -21.71 3.76
CA VAL B 373 -11.71 -22.27 2.44
C VAL B 373 -10.27 -22.80 2.36
N LYS B 374 -9.44 -22.38 3.33
CA LYS B 374 -8.07 -22.86 3.41
C LYS B 374 -8.03 -24.36 3.63
N SER B 375 -9.10 -24.91 4.19
CA SER B 375 -9.23 -26.36 4.37
C SER B 375 -9.34 -27.06 3.02
N ASN B 376 -9.77 -26.31 2.01
CA ASN B 376 -9.94 -26.86 0.66
C ASN B 376 -8.69 -26.67 -0.20
N ILE B 377 -8.22 -25.43 -0.30
CA ILE B 377 -7.16 -25.09 -1.24
C ILE B 377 -5.87 -24.58 -0.57
N GLY B 378 -5.85 -24.59 0.76
CA GLY B 378 -4.67 -24.15 1.48
C GLY B 378 -4.64 -22.66 1.75
N HIS B 379 -3.51 -22.17 2.24
CA HIS B 379 -3.36 -20.76 2.55
C HIS B 379 -2.76 -20.03 1.34
N LEU B 380 -3.58 -19.18 0.72
CA LEU B 380 -3.15 -18.48 -0.49
C LEU B 380 -2.42 -17.18 -0.16
N GLU B 381 -2.23 -16.92 1.12
CA GLU B 381 -1.34 -15.85 1.60
C GLU B 381 -1.68 -14.47 1.03
N LEU B 382 -0.98 -14.08 -0.03
CA LEU B 382 -1.25 -12.80 -0.70
C LEU B 382 -2.65 -12.77 -1.29
N ALA B 383 -3.16 -13.94 -1.66
CA ALA B 383 -4.47 -14.05 -2.27
C ALA B 383 -5.46 -14.79 -1.36
N ALA B 384 -5.13 -14.86 -0.07
CA ALA B 384 -5.95 -15.58 0.89
C ALA B 384 -7.32 -14.94 1.10
N GLY B 385 -7.33 -13.63 1.38
CA GLY B 385 -8.57 -12.92 1.67
C GLY B 385 -9.58 -12.93 0.54
N ILE B 386 -9.10 -12.69 -0.69
CA ILE B 386 -9.97 -12.65 -1.85
C ILE B 386 -10.56 -14.04 -2.14
N SER B 387 -9.84 -15.08 -1.73
CA SER B 387 -10.33 -16.45 -1.87
C SER B 387 -11.50 -16.72 -0.94
N GLY B 388 -11.43 -16.18 0.27
CA GLY B 388 -12.50 -16.35 1.24
C GLY B 388 -13.74 -15.59 0.83
N LEU B 389 -13.55 -14.40 0.26
CA LEU B 389 -14.65 -13.58 -0.21
C LEU B 389 -15.40 -14.24 -1.35
N ILE B 390 -14.67 -14.75 -2.32
CA ILE B 390 -15.25 -15.42 -3.47
C ILE B 390 -16.01 -16.68 -3.05
N LYS B 391 -15.46 -17.41 -2.08
CA LYS B 391 -16.13 -18.57 -1.52
C LYS B 391 -17.46 -18.16 -0.90
N VAL B 392 -17.46 -17.04 -0.20
CA VAL B 392 -18.67 -16.52 0.43
C VAL B 392 -19.71 -16.09 -0.61
N LEU B 393 -19.24 -15.41 -1.65
CA LEU B 393 -20.12 -14.99 -2.74
C LEU B 393 -20.79 -16.20 -3.41
N LEU B 394 -20.00 -17.24 -3.64
CA LEU B 394 -20.51 -18.48 -4.22
C LEU B 394 -21.51 -19.16 -3.28
N GLN B 395 -21.25 -19.08 -1.98
CA GLN B 395 -22.15 -19.64 -0.98
C GLN B 395 -23.49 -18.91 -0.95
N MET B 396 -23.47 -17.63 -1.34
CA MET B 396 -24.69 -16.84 -1.41
C MET B 396 -25.50 -17.20 -2.65
N LYS B 397 -24.79 -17.40 -3.75
CA LYS B 397 -25.41 -17.73 -5.03
C LYS B 397 -26.24 -19.01 -4.93
N HIS B 398 -25.66 -20.03 -4.32
CA HIS B 398 -26.30 -21.34 -4.26
C HIS B 398 -26.93 -21.63 -2.90
N LYS B 399 -27.07 -20.57 -2.10
CA LYS B 399 -27.70 -20.64 -0.78
C LYS B 399 -27.29 -21.87 0.02
N THR B 400 -25.99 -22.15 0.02
CA THR B 400 -25.45 -23.34 0.65
C THR B 400 -24.24 -22.99 1.50
N LEU B 401 -24.15 -23.59 2.69
CA LEU B 401 -22.94 -23.50 3.48
C LEU B 401 -22.14 -24.79 3.31
N VAL B 402 -21.09 -24.72 2.51
CA VAL B 402 -20.28 -25.91 2.21
C VAL B 402 -19.49 -26.38 3.42
N LYS B 403 -19.00 -27.62 3.34
CA LYS B 403 -18.27 -28.24 4.44
C LYS B 403 -16.90 -27.60 4.65
N SER B 404 -16.55 -27.39 5.91
CA SER B 404 -15.18 -27.02 6.27
C SER B 404 -14.45 -28.32 6.58
N LEU B 405 -13.27 -28.50 6.01
CA LEU B 405 -12.61 -29.81 6.02
C LEU B 405 -11.72 -30.08 7.23
N HIS B 406 -11.47 -31.36 7.47
CA HIS B 406 -10.50 -31.83 8.48
C HIS B 406 -10.88 -31.58 9.94
N CYS B 407 -12.05 -30.99 10.18
CA CYS B 407 -12.45 -30.64 11.54
C CYS B 407 -13.43 -31.65 12.13
N GLU B 408 -13.22 -32.94 11.84
CA GLU B 408 -14.08 -34.00 12.35
C GLU B 408 -14.09 -34.01 13.87
N THR B 409 -12.91 -33.79 14.47
CA THR B 409 -12.80 -33.61 15.91
C THR B 409 -12.33 -32.19 16.18
N LEU B 410 -13.07 -31.47 17.02
CA LEU B 410 -12.82 -30.05 17.23
C LEU B 410 -11.73 -29.74 18.26
N ASN B 411 -11.17 -28.55 18.14
CA ASN B 411 -10.26 -28.03 19.14
C ASN B 411 -11.04 -27.75 20.42
N PRO B 412 -10.65 -28.39 21.53
CA PRO B 412 -11.38 -28.23 22.79
C PRO B 412 -11.34 -26.78 23.31
N TYR B 413 -10.40 -25.99 22.83
CA TYR B 413 -10.26 -24.61 23.29
C TYR B 413 -11.14 -23.62 22.54
N LEU B 414 -11.96 -24.13 21.62
CA LEU B 414 -12.89 -23.28 20.88
C LEU B 414 -13.98 -22.73 21.80
N GLN B 415 -14.57 -23.61 22.60
CA GLN B 415 -15.61 -23.24 23.56
C GLN B 415 -16.80 -22.57 22.87
N LEU B 416 -17.58 -23.36 22.13
CA LEU B 416 -18.62 -22.83 21.25
C LEU B 416 -20.05 -23.06 21.73
N THR B 417 -20.21 -23.63 22.92
CA THR B 417 -21.53 -24.05 23.38
C THR B 417 -22.50 -22.91 23.70
N ASP B 418 -22.09 -21.98 24.56
CA ASP B 418 -22.92 -20.84 24.91
C ASP B 418 -23.00 -19.83 23.77
N SER B 419 -22.01 -19.87 22.89
CA SER B 419 -21.91 -18.91 21.80
C SER B 419 -22.92 -19.21 20.68
N PRO B 420 -23.24 -18.18 19.87
CA PRO B 420 -24.11 -18.38 18.70
C PRO B 420 -23.41 -19.19 17.61
N PHE B 421 -22.09 -19.32 17.73
CA PHE B 421 -21.28 -19.89 16.66
C PHE B 421 -21.23 -21.41 16.65
N TYR B 422 -21.02 -21.96 15.45
CA TYR B 422 -20.84 -23.40 15.27
C TYR B 422 -19.99 -23.64 14.02
N ILE B 423 -19.16 -24.69 14.05
CA ILE B 423 -18.33 -25.02 12.91
C ILE B 423 -19.12 -25.82 11.89
N VAL B 424 -19.06 -25.40 10.63
CA VAL B 424 -19.74 -26.13 9.57
C VAL B 424 -18.96 -27.41 9.25
N GLN B 425 -19.29 -28.48 9.96
CA GLN B 425 -18.61 -29.76 9.80
C GLN B 425 -19.23 -30.57 8.68
N GLU B 426 -20.46 -30.22 8.32
CA GLU B 426 -21.18 -30.91 7.25
C GLU B 426 -21.87 -29.89 6.35
N LYS B 427 -21.94 -30.19 5.06
CA LYS B 427 -22.58 -29.28 4.11
C LYS B 427 -24.08 -29.18 4.42
N GLN B 428 -24.61 -27.96 4.37
CA GLN B 428 -26.00 -27.73 4.68
C GLN B 428 -26.57 -26.57 3.87
N GLU B 429 -27.89 -26.44 3.90
CA GLU B 429 -28.55 -25.30 3.28
C GLU B 429 -28.28 -24.05 4.11
N TRP B 430 -28.04 -22.93 3.44
CA TRP B 430 -27.87 -21.65 4.12
C TRP B 430 -29.21 -20.92 4.21
N LYS B 431 -30.02 -21.32 5.19
CA LYS B 431 -31.33 -20.72 5.41
C LYS B 431 -31.26 -19.25 5.75
N SER B 432 -32.35 -18.55 5.47
CA SER B 432 -32.48 -17.13 5.81
C SER B 432 -33.16 -17.01 7.17
N VAL B 433 -32.98 -15.87 7.81
CA VAL B 433 -33.68 -15.59 9.06
C VAL B 433 -34.73 -14.52 8.82
N THR B 434 -35.55 -14.25 9.84
CA THR B 434 -36.74 -13.43 9.63
C THR B 434 -36.87 -12.27 10.60
N ASP B 435 -37.16 -11.09 10.06
CA ASP B 435 -37.43 -9.89 10.85
C ASP B 435 -38.64 -10.12 11.77
N ARG B 436 -38.78 -9.25 12.77
CA ARG B 436 -39.94 -9.32 13.66
C ARG B 436 -41.19 -8.79 12.99
N ASP B 437 -41.02 -8.24 11.78
CA ASP B 437 -42.16 -7.86 10.93
C ASP B 437 -42.52 -9.02 10.02
N GLY B 438 -41.96 -10.20 10.32
CA GLY B 438 -42.25 -11.40 9.58
C GLY B 438 -41.67 -11.41 8.17
N ASN B 439 -40.72 -10.53 7.92
CA ASN B 439 -40.13 -10.42 6.58
C ASN B 439 -38.77 -11.08 6.45
N GLU B 440 -38.52 -11.63 5.26
CA GLU B 440 -37.28 -12.34 4.98
C GLU B 440 -36.10 -11.39 4.99
N LEU B 441 -34.93 -11.90 5.37
CA LEU B 441 -33.73 -11.08 5.44
C LEU B 441 -32.69 -11.54 4.44
N PRO B 442 -31.95 -10.58 3.86
CA PRO B 442 -30.82 -10.95 3.01
C PRO B 442 -29.75 -11.63 3.85
N ARG B 443 -29.16 -12.71 3.33
CA ARG B 443 -28.08 -13.41 4.02
C ARG B 443 -26.93 -12.44 4.28
N ARG B 444 -26.28 -12.60 5.43
CA ARG B 444 -25.20 -11.70 5.80
C ARG B 444 -24.01 -12.50 6.33
N ALA B 445 -22.82 -12.18 5.84
CA ALA B 445 -21.62 -12.90 6.22
C ALA B 445 -20.48 -11.93 6.49
N GLY B 446 -19.45 -12.43 7.14
CA GLY B 446 -18.24 -11.66 7.37
C GLY B 446 -17.04 -12.48 6.95
N ILE B 447 -16.01 -11.80 6.44
CA ILE B 447 -14.77 -12.47 6.07
C ILE B 447 -13.61 -11.81 6.81
N SER B 448 -12.79 -12.63 7.47
CA SER B 448 -11.62 -12.14 8.18
C SER B 448 -10.34 -12.56 7.49
N SER B 449 -9.35 -11.67 7.50
CA SER B 449 -8.03 -12.00 6.99
C SER B 449 -6.97 -11.32 7.84
N PHE B 450 -6.05 -12.11 8.37
CA PHE B 450 -5.05 -11.60 9.31
C PHE B 450 -3.64 -11.84 8.79
N GLY B 451 -2.73 -10.91 9.08
CA GLY B 451 -1.35 -11.03 8.67
C GLY B 451 -0.42 -11.29 9.85
N ILE B 452 0.65 -12.03 9.62
CA ILE B 452 1.60 -12.37 10.67
C ILE B 452 2.25 -11.11 11.25
N GLY B 453 2.32 -10.06 10.44
CA GLY B 453 2.85 -8.79 10.90
C GLY B 453 1.92 -8.11 11.89
N GLY B 454 0.66 -8.53 11.89
CA GLY B 454 -0.31 -8.01 12.83
C GLY B 454 -1.44 -7.23 12.18
N VAL B 455 -1.38 -7.11 10.85
CA VAL B 455 -2.42 -6.39 10.12
C VAL B 455 -3.68 -7.22 9.95
N ASN B 456 -4.80 -6.71 10.46
CA ASN B 456 -6.07 -7.41 10.41
C ASN B 456 -7.06 -6.72 9.49
N ALA B 457 -7.94 -7.50 8.86
CA ALA B 457 -8.95 -6.95 7.97
C ALA B 457 -10.25 -7.76 8.02
N HIS B 458 -11.38 -7.06 8.01
CA HIS B 458 -12.67 -7.74 8.00
C HIS B 458 -13.66 -7.06 7.06
N ILE B 459 -14.43 -7.88 6.35
CA ILE B 459 -15.40 -7.39 5.38
C ILE B 459 -16.79 -7.92 5.70
N VAL B 460 -17.80 -7.07 5.59
CA VAL B 460 -19.19 -7.49 5.79
C VAL B 460 -19.95 -7.55 4.47
N ILE B 461 -20.39 -8.73 4.10
CA ILE B 461 -21.09 -8.93 2.83
C ILE B 461 -22.57 -9.23 3.04
N GLU B 462 -23.41 -8.54 2.27
CA GLU B 462 -24.85 -8.77 2.32
C GLU B 462 -25.34 -9.28 0.97
N GLU B 463 -26.15 -10.34 1.00
CA GLU B 463 -26.76 -10.89 -0.21
C GLU B 463 -27.60 -9.83 -0.90
N TYR B 464 -27.55 -9.80 -2.23
CA TYR B 464 -28.33 -8.83 -2.98
C TYR B 464 -29.70 -9.38 -3.39
N MET B 465 -30.75 -8.60 -3.13
CA MET B 465 -32.10 -9.02 -3.45
C MET B 465 -32.71 -8.12 -4.53
N PRO B 466 -32.95 -8.70 -5.73
CA PRO B 466 -33.51 -7.96 -6.87
C PRO B 466 -35.02 -7.81 -6.80
N GLN B 477 -39.60 -14.31 -29.94
CA GLN B 477 -39.01 -13.06 -30.40
C GLN B 477 -37.48 -13.12 -30.33
N PRO B 478 -36.82 -12.87 -31.47
CA PRO B 478 -35.39 -13.15 -31.69
C PRO B 478 -34.43 -12.00 -31.38
N ASN B 479 -33.14 -12.29 -31.46
CA ASN B 479 -32.08 -11.32 -31.26
C ASN B 479 -30.83 -11.72 -32.02
N VAL B 480 -29.83 -10.84 -32.05
CA VAL B 480 -28.56 -11.16 -32.68
C VAL B 480 -27.50 -11.50 -31.64
N ILE B 481 -26.94 -12.70 -31.74
CA ILE B 481 -25.87 -13.12 -30.84
C ILE B 481 -24.51 -12.87 -31.49
N VAL B 482 -23.70 -12.04 -30.86
CA VAL B 482 -22.40 -11.68 -31.43
C VAL B 482 -21.22 -12.15 -30.58
N LEU B 483 -20.16 -12.56 -31.27
CA LEU B 483 -18.92 -12.97 -30.62
C LEU B 483 -17.73 -12.46 -31.42
N SER B 484 -16.70 -12.00 -30.71
CA SER B 484 -15.49 -11.51 -31.38
C SER B 484 -14.24 -11.88 -30.59
N ALA B 485 -13.13 -12.01 -31.31
CA ALA B 485 -11.84 -12.32 -30.69
C ALA B 485 -10.68 -11.78 -31.53
N LYS B 486 -9.47 -11.93 -31.00
CA LYS B 486 -8.28 -11.40 -31.66
C LYS B 486 -7.88 -12.18 -32.90
N ASN B 487 -8.18 -13.48 -32.90
CA ASN B 487 -7.92 -14.33 -34.05
C ASN B 487 -8.98 -15.41 -34.21
N LYS B 488 -8.83 -16.24 -35.24
CA LYS B 488 -9.80 -17.29 -35.52
C LYS B 488 -9.87 -18.34 -34.41
N SER B 489 -8.70 -18.73 -33.91
CA SER B 489 -8.62 -19.74 -32.86
C SER B 489 -9.30 -19.28 -31.57
N ARG B 490 -9.06 -18.03 -31.19
CA ARG B 490 -9.66 -17.49 -29.97
C ARG B 490 -11.16 -17.34 -30.12
N LEU B 491 -11.61 -17.07 -31.33
CA LEU B 491 -13.04 -16.95 -31.61
C LEU B 491 -13.71 -18.31 -31.45
N ILE B 492 -13.09 -19.35 -31.98
CA ILE B 492 -13.60 -20.70 -31.84
C ILE B 492 -13.64 -21.09 -30.36
N ASP B 493 -12.62 -20.67 -29.62
CA ASP B 493 -12.59 -20.90 -28.18
C ASP B 493 -13.76 -20.22 -27.48
N ARG B 494 -14.05 -18.98 -27.87
CA ARG B 494 -15.19 -18.23 -27.35
C ARG B 494 -16.49 -18.99 -27.59
N ALA B 495 -16.66 -19.50 -28.80
CA ALA B 495 -17.86 -20.22 -29.18
C ALA B 495 -18.05 -21.49 -28.35
N SER B 496 -16.98 -22.27 -28.22
CA SER B 496 -17.01 -23.51 -27.46
C SER B 496 -17.36 -23.26 -26.00
N GLN B 497 -16.83 -22.16 -25.45
CA GLN B 497 -17.13 -21.76 -24.08
C GLN B 497 -18.63 -21.52 -23.90
N LEU B 498 -19.21 -20.73 -24.80
CA LEU B 498 -20.63 -20.40 -24.75
C LEU B 498 -21.47 -21.63 -25.05
N LEU B 499 -20.96 -22.48 -25.93
CA LEU B 499 -21.64 -23.71 -26.30
C LEU B 499 -21.74 -24.64 -25.10
N GLU B 500 -20.60 -24.94 -24.50
CA GLU B 500 -20.52 -25.87 -23.37
C GLU B 500 -21.09 -25.31 -22.06
N VAL B 501 -21.52 -24.06 -22.08
CA VAL B 501 -22.14 -23.47 -20.90
C VAL B 501 -23.66 -23.44 -21.05
N ILE B 502 -24.13 -23.58 -22.28
CA ILE B 502 -25.54 -23.79 -22.56
C ILE B 502 -25.85 -25.26 -22.38
N ARG B 503 -24.90 -26.10 -22.77
CA ARG B 503 -25.05 -27.56 -22.70
C ARG B 503 -25.27 -28.07 -21.27
N ASN B 504 -24.53 -27.51 -20.31
CA ASN B 504 -24.76 -27.87 -18.91
C ASN B 504 -25.87 -27.05 -18.24
N LYS B 505 -26.77 -26.55 -19.08
CA LYS B 505 -28.05 -25.98 -18.65
C LYS B 505 -27.97 -24.84 -17.63
N LYS B 506 -27.12 -23.87 -17.92
CA LYS B 506 -26.98 -22.73 -17.04
C LYS B 506 -28.10 -21.74 -17.23
N TYR B 507 -28.65 -21.69 -18.43
CA TYR B 507 -29.62 -20.66 -18.75
C TYR B 507 -30.88 -21.21 -19.38
N THR B 508 -31.89 -20.35 -19.46
CA THR B 508 -33.16 -20.65 -20.10
C THR B 508 -33.39 -19.68 -21.25
N ASP B 509 -34.58 -19.72 -21.83
CA ASP B 509 -34.92 -18.80 -22.91
C ASP B 509 -35.28 -17.40 -22.42
N GLN B 510 -35.54 -17.22 -21.12
CA GLN B 510 -35.70 -15.85 -20.61
C GLN B 510 -34.33 -15.12 -20.53
N ASP B 511 -33.24 -15.87 -20.47
CA ASP B 511 -31.90 -15.28 -20.41
C ASP B 511 -31.34 -14.91 -21.78
N LEU B 512 -32.08 -15.23 -22.85
CA LEU B 512 -31.59 -14.95 -24.20
C LEU B 512 -31.20 -13.47 -24.44
N HIS B 513 -32.11 -12.57 -24.14
CA HIS B 513 -31.89 -11.15 -24.37
C HIS B 513 -30.87 -10.56 -23.40
N ARG B 514 -30.73 -11.20 -22.25
CA ARG B 514 -29.72 -10.82 -21.26
C ARG B 514 -28.34 -11.26 -21.74
N ILE B 515 -28.31 -12.34 -22.53
CA ILE B 515 -27.07 -12.82 -23.12
C ILE B 515 -26.71 -11.98 -24.34
N ALA B 516 -27.69 -11.77 -25.21
CA ALA B 516 -27.51 -10.99 -26.43
C ALA B 516 -27.02 -9.59 -26.11
N TYR B 517 -27.71 -8.92 -25.20
CA TYR B 517 -27.36 -7.55 -24.80
C TYR B 517 -25.96 -7.47 -24.20
N THR B 518 -25.66 -8.38 -23.27
CA THR B 518 -24.35 -8.41 -22.62
C THR B 518 -23.23 -8.62 -23.62
N LEU B 519 -23.50 -9.40 -24.67
CA LEU B 519 -22.50 -9.65 -25.71
C LEU B 519 -22.37 -8.47 -26.66
N GLN B 520 -23.41 -7.65 -26.75
CA GLN B 520 -23.42 -6.51 -27.66
C GLN B 520 -22.74 -5.28 -27.07
N VAL B 521 -22.98 -5.03 -25.78
CA VAL B 521 -22.48 -3.81 -25.15
C VAL B 521 -21.46 -4.08 -24.04
N GLY B 522 -21.31 -5.34 -23.66
CA GLY B 522 -20.41 -5.71 -22.58
C GLY B 522 -19.21 -6.50 -23.03
N ARG B 523 -18.88 -6.40 -24.31
CA ARG B 523 -17.70 -7.05 -24.87
C ARG B 523 -16.98 -6.11 -25.82
N GLU B 524 -15.66 -6.17 -25.82
CA GLU B 524 -14.88 -5.41 -26.78
C GLU B 524 -15.15 -5.97 -28.18
N GLU B 525 -15.38 -5.08 -29.13
CA GLU B 525 -15.58 -5.51 -30.52
C GLU B 525 -14.22 -5.71 -31.18
N MET B 526 -13.82 -6.97 -31.29
CA MET B 526 -12.50 -7.30 -31.83
C MET B 526 -12.58 -7.63 -33.31
N ASP B 527 -11.48 -8.14 -33.87
CA ASP B 527 -11.36 -8.25 -35.32
C ASP B 527 -12.05 -9.46 -35.93
N GLU B 528 -11.82 -10.64 -35.37
CA GLU B 528 -12.47 -11.85 -35.87
C GLU B 528 -13.86 -11.99 -35.27
N ARG B 529 -14.89 -11.90 -36.11
CA ARG B 529 -16.25 -11.79 -35.62
C ARG B 529 -17.19 -12.93 -36.07
N LEU B 530 -18.16 -13.23 -35.22
CA LEU B 530 -19.15 -14.26 -35.50
C LEU B 530 -20.53 -13.81 -35.02
N ALA B 531 -21.51 -13.80 -35.93
CA ALA B 531 -22.86 -13.41 -35.58
C ALA B 531 -23.90 -14.40 -36.09
N CYS B 532 -24.97 -14.58 -35.31
CA CYS B 532 -26.07 -15.44 -35.71
C CYS B 532 -27.37 -14.93 -35.09
N VAL B 533 -28.49 -15.22 -35.76
CA VAL B 533 -29.80 -14.85 -35.25
C VAL B 533 -30.43 -16.03 -34.53
N ALA B 534 -30.97 -15.78 -33.34
CA ALA B 534 -31.56 -16.85 -32.53
C ALA B 534 -32.67 -16.35 -31.63
N GLY B 535 -33.71 -17.16 -31.46
CA GLY B 535 -34.83 -16.82 -30.59
C GLY B 535 -34.88 -17.73 -29.38
N THR B 536 -34.26 -18.89 -29.48
CA THR B 536 -34.24 -19.86 -28.39
C THR B 536 -32.81 -20.27 -28.05
N MET B 537 -32.65 -20.88 -26.87
CA MET B 537 -31.36 -21.44 -26.47
C MET B 537 -31.03 -22.62 -27.37
N GLN B 538 -32.07 -23.29 -27.83
CA GLN B 538 -31.93 -24.43 -28.72
C GLN B 538 -31.36 -23.97 -30.06
N GLU B 539 -31.99 -22.93 -30.62
CA GLU B 539 -31.59 -22.38 -31.91
C GLU B 539 -30.15 -21.89 -31.86
N LEU B 540 -29.79 -21.20 -30.79
CA LEU B 540 -28.42 -20.69 -30.60
C LEU B 540 -27.43 -21.84 -30.48
N GLU B 541 -27.79 -22.85 -29.71
CA GLU B 541 -26.94 -24.01 -29.49
C GLU B 541 -26.68 -24.75 -30.82
N GLU B 542 -27.72 -24.85 -31.63
CA GLU B 542 -27.62 -25.49 -32.94
C GLU B 542 -26.66 -24.74 -33.86
N LYS B 543 -26.72 -23.42 -33.82
CA LYS B 543 -25.93 -22.59 -34.73
C LYS B 543 -24.47 -22.46 -34.27
N LEU B 544 -24.27 -22.41 -32.97
CA LEU B 544 -22.92 -22.40 -32.41
C LEU B 544 -22.22 -23.74 -32.68
N GLN B 545 -22.99 -24.82 -32.55
CA GLN B 545 -22.50 -26.16 -32.82
C GLN B 545 -22.09 -26.29 -34.28
N ALA B 546 -22.82 -25.62 -35.15
CA ALA B 546 -22.55 -25.64 -36.58
C ALA B 546 -21.23 -24.96 -36.91
N PHE B 547 -20.98 -23.81 -36.28
CA PHE B 547 -19.75 -23.06 -36.52
C PHE B 547 -18.52 -23.78 -35.98
N VAL B 548 -18.63 -24.31 -34.78
CA VAL B 548 -17.54 -25.06 -34.16
C VAL B 548 -17.14 -26.27 -35.00
N ASP B 549 -18.15 -27.00 -35.49
CA ASP B 549 -17.91 -28.21 -36.26
C ASP B 549 -17.22 -27.95 -37.60
N GLY B 550 -17.55 -26.83 -38.25
CA GLY B 550 -16.82 -26.41 -39.43
C GLY B 550 -17.63 -26.16 -40.69
N LYS B 551 -18.93 -25.96 -40.53
CA LYS B 551 -19.80 -25.69 -41.68
C LYS B 551 -19.58 -24.30 -42.26
N GLU B 556 -27.50 -19.35 -42.07
CA GLU B 556 -27.07 -20.22 -40.98
C GLU B 556 -26.39 -19.42 -39.86
N PHE B 557 -25.17 -18.95 -40.13
CA PHE B 557 -24.49 -18.03 -39.24
C PHE B 557 -23.60 -17.09 -40.05
N PHE B 558 -23.21 -15.97 -39.45
CA PHE B 558 -22.39 -14.99 -40.17
C PHE B 558 -20.96 -14.95 -39.64
N ARG B 559 -20.02 -14.65 -40.53
CA ARG B 559 -18.60 -14.78 -40.23
C ARG B 559 -17.81 -13.73 -41.00
N GLY B 560 -16.97 -12.97 -40.31
CA GLY B 560 -16.21 -11.90 -40.95
C GLY B 560 -15.01 -11.38 -40.18
N GLN B 561 -14.26 -10.49 -40.81
CA GLN B 561 -13.08 -9.88 -40.20
C GLN B 561 -13.11 -8.36 -40.41
N SER B 562 -13.11 -7.62 -39.30
CA SER B 562 -13.30 -6.17 -39.33
C SER B 562 -12.31 -5.40 -40.20
N HIS B 563 -11.07 -5.89 -40.29
CA HIS B 563 -10.02 -5.16 -41.00
C HIS B 563 -10.01 -5.42 -42.50
N ARG B 564 -10.67 -6.50 -42.94
CA ARG B 564 -10.70 -6.85 -44.36
C ARG B 564 -11.80 -6.12 -45.12
N ASN B 565 -12.72 -5.50 -44.39
CA ASN B 565 -13.84 -4.81 -45.01
C ASN B 565 -13.80 -3.30 -44.79
N LYS B 566 -12.64 -2.68 -45.01
CA LYS B 566 -12.50 -1.24 -44.85
C LYS B 566 -13.24 -0.51 -45.97
N GLU B 567 -13.38 -1.17 -47.12
CA GLU B 567 -14.16 -0.61 -48.24
C GLU B 567 -15.66 -0.59 -47.95
N THR B 568 -16.16 -1.67 -47.36
CA THR B 568 -17.56 -1.76 -46.95
C THR B 568 -17.80 -0.82 -45.78
N GLN B 569 -16.73 -0.53 -45.05
CA GLN B 569 -16.83 0.37 -43.91
C GLN B 569 -16.97 1.84 -44.32
N THR B 570 -16.40 2.22 -45.46
CA THR B 570 -16.54 3.60 -45.92
C THR B 570 -17.99 3.93 -46.24
N ILE B 571 -18.67 3.00 -46.89
CA ILE B 571 -19.98 3.24 -47.46
C ILE B 571 -21.08 3.35 -46.39
N PHE B 572 -20.75 3.00 -45.15
CA PHE B 572 -21.69 3.14 -44.05
C PHE B 572 -21.25 4.14 -42.97
N THR B 573 -19.99 4.58 -43.00
CA THR B 573 -19.48 5.46 -41.95
C THR B 573 -19.73 6.95 -42.21
N ALA B 574 -20.21 7.63 -41.18
CA ALA B 574 -20.42 9.08 -41.21
C ALA B 574 -21.36 9.58 -42.32
N ASP B 575 -22.59 9.08 -42.34
CA ASP B 575 -23.59 9.58 -43.28
C ASP B 575 -24.99 9.55 -42.68
N GLU B 576 -25.72 10.64 -42.82
CA GLU B 576 -27.03 10.79 -42.19
C GLU B 576 -28.10 9.96 -42.89
N ASP B 577 -27.90 9.71 -44.19
CA ASP B 577 -28.85 8.90 -44.96
C ASP B 577 -28.59 7.42 -44.74
N MET B 578 -27.32 7.06 -44.51
CA MET B 578 -26.98 5.71 -44.13
C MET B 578 -27.49 5.44 -42.72
N ALA B 579 -27.36 6.45 -41.86
CA ALA B 579 -27.81 6.36 -40.48
C ALA B 579 -29.31 6.09 -40.42
N LEU B 580 -30.06 6.71 -41.32
CA LEU B 580 -31.50 6.49 -41.41
C LEU B 580 -31.82 5.07 -41.86
N ALA B 581 -31.05 4.57 -42.82
CA ALA B 581 -31.26 3.22 -43.35
C ALA B 581 -30.99 2.15 -42.30
N LEU B 582 -29.90 2.31 -41.56
CA LEU B 582 -29.58 1.41 -40.46
C LEU B 582 -30.66 1.47 -39.38
N ASP B 583 -31.13 2.70 -39.11
CA ASP B 583 -32.18 2.93 -38.13
C ASP B 583 -33.45 2.17 -38.51
N ALA B 584 -33.70 2.07 -39.83
CA ALA B 584 -34.88 1.38 -40.33
C ALA B 584 -34.74 -0.14 -40.22
N TRP B 585 -33.53 -0.65 -40.45
CA TRP B 585 -33.25 -2.08 -40.34
C TRP B 585 -33.51 -2.56 -38.92
N ILE B 586 -33.10 -1.75 -37.95
CA ILE B 586 -33.32 -2.04 -36.54
C ILE B 586 -34.80 -2.02 -36.21
N ARG B 587 -35.51 -1.05 -36.78
CA ARG B 587 -36.95 -0.90 -36.56
C ARG B 587 -37.70 -2.08 -37.17
N LYS B 588 -37.37 -2.42 -38.41
CA LYS B 588 -38.03 -3.49 -39.13
C LYS B 588 -37.49 -4.87 -38.77
N ARG B 589 -36.55 -4.90 -37.84
CA ARG B 589 -35.93 -6.14 -37.36
C ARG B 589 -35.32 -6.98 -38.47
N LYS B 590 -34.48 -6.34 -39.29
CA LYS B 590 -33.72 -7.05 -40.30
C LYS B 590 -32.43 -7.56 -39.67
N TYR B 591 -32.60 -8.46 -38.70
CA TYR B 591 -31.50 -8.95 -37.86
C TYR B 591 -30.39 -9.63 -38.66
N ALA B 592 -30.77 -10.45 -39.62
CA ALA B 592 -29.80 -11.19 -40.43
C ALA B 592 -28.92 -10.25 -41.25
N LYS B 593 -29.50 -9.16 -41.73
CA LYS B 593 -28.75 -8.18 -42.50
C LYS B 593 -27.85 -7.34 -41.61
N LEU B 594 -28.35 -6.98 -40.43
CA LEU B 594 -27.56 -6.23 -39.44
C LEU B 594 -26.35 -7.03 -39.00
N ALA B 595 -26.57 -8.32 -38.72
CA ALA B 595 -25.51 -9.22 -38.31
C ALA B 595 -24.46 -9.34 -39.41
N ASP B 596 -24.92 -9.33 -40.67
CA ASP B 596 -24.04 -9.43 -41.82
C ASP B 596 -23.14 -8.21 -41.96
N LEU B 597 -23.65 -7.05 -41.55
CA LEU B 597 -22.85 -5.83 -41.58
C LEU B 597 -21.86 -5.79 -40.42
N TRP B 598 -22.30 -6.22 -39.24
CA TRP B 598 -21.49 -6.14 -38.04
C TRP B 598 -20.22 -6.98 -38.11
N VAL B 599 -20.31 -8.18 -38.67
CA VAL B 599 -19.15 -9.05 -38.81
C VAL B 599 -18.09 -8.43 -39.71
N LYS B 600 -18.51 -7.47 -40.53
CA LYS B 600 -17.59 -6.79 -41.43
C LYS B 600 -16.99 -5.55 -40.80
N GLY B 601 -17.32 -5.31 -39.54
CA GLY B 601 -16.75 -4.19 -38.80
C GLY B 601 -17.56 -2.92 -38.92
N VAL B 602 -18.83 -3.04 -39.26
CA VAL B 602 -19.74 -1.90 -39.31
C VAL B 602 -20.34 -1.68 -37.95
N SER B 603 -20.33 -0.42 -37.48
CA SER B 603 -20.86 -0.10 -36.16
C SER B 603 -22.38 -0.15 -36.12
N ILE B 604 -22.91 -0.89 -35.14
CA ILE B 604 -24.34 -0.99 -34.92
C ILE B 604 -24.70 -0.47 -33.54
N GLN B 605 -25.67 0.43 -33.46
CA GLN B 605 -26.18 0.90 -32.18
C GLN B 605 -27.10 -0.15 -31.57
N TRP B 606 -26.50 -1.13 -30.89
CA TRP B 606 -27.26 -2.24 -30.33
C TRP B 606 -28.25 -1.82 -29.24
N ASN B 607 -28.05 -0.63 -28.67
CA ASN B 607 -28.95 -0.11 -27.65
C ASN B 607 -30.36 0.13 -28.17
N THR B 608 -30.46 0.55 -29.43
CA THR B 608 -31.73 0.93 -30.02
C THR B 608 -32.68 -0.24 -30.26
N LEU B 609 -32.19 -1.46 -30.06
CA LEU B 609 -33.01 -2.66 -30.16
C LEU B 609 -33.92 -2.80 -28.94
N TYR B 610 -33.62 -2.04 -27.89
CA TYR B 610 -34.27 -2.21 -26.60
C TYR B 610 -35.00 -0.96 -26.14
N GLY B 611 -35.98 -1.15 -25.26
CA GLY B 611 -36.77 -0.04 -24.74
C GLY B 611 -36.02 0.75 -23.69
N GLU B 612 -36.77 1.50 -22.88
CA GLU B 612 -36.19 2.37 -21.86
C GLU B 612 -35.38 1.57 -20.85
N THR B 613 -35.92 0.44 -20.41
CA THR B 613 -35.21 -0.44 -19.48
C THR B 613 -34.51 -1.56 -20.23
N LYS B 614 -33.18 -1.54 -20.22
CA LYS B 614 -32.38 -2.56 -20.89
C LYS B 614 -32.39 -3.87 -20.10
N PRO B 615 -32.16 -5.00 -20.79
CA PRO B 615 -32.01 -6.28 -20.08
C PRO B 615 -30.84 -6.21 -19.11
N ARG B 616 -30.96 -6.89 -17.98
CA ARG B 616 -29.89 -6.89 -16.97
C ARG B 616 -28.69 -7.66 -17.48
N LEU B 617 -27.49 -7.14 -17.24
CA LEU B 617 -26.26 -7.79 -17.67
C LEU B 617 -26.11 -9.15 -16.98
N ILE B 618 -25.45 -10.08 -17.66
CA ILE B 618 -25.35 -11.46 -17.18
C ILE B 618 -23.92 -11.98 -17.23
N SER B 619 -23.61 -12.95 -16.37
CA SER B 619 -22.28 -13.55 -16.33
C SER B 619 -22.10 -14.56 -17.46
N LEU B 620 -21.04 -14.35 -18.25
CA LEU B 620 -20.75 -15.20 -19.39
C LEU B 620 -19.25 -15.53 -19.41
N PRO B 621 -18.87 -16.62 -20.10
CA PRO B 621 -17.46 -17.00 -20.22
C PRO B 621 -16.54 -15.85 -20.64
N SER B 622 -15.51 -15.59 -19.84
CA SER B 622 -14.56 -14.52 -20.14
C SER B 622 -13.51 -14.98 -21.16
N TYR B 623 -12.76 -14.02 -21.69
CA TYR B 623 -11.85 -14.26 -22.82
C TYR B 623 -10.92 -15.46 -22.64
N PRO B 624 -10.90 -16.36 -23.64
CA PRO B 624 -10.07 -17.56 -23.65
C PRO B 624 -8.65 -17.25 -24.12
N PHE B 625 -7.84 -16.69 -23.24
CA PHE B 625 -6.48 -16.30 -23.57
C PHE B 625 -5.62 -17.46 -24.06
N ALA B 626 -4.64 -17.15 -24.89
CA ALA B 626 -3.70 -18.16 -25.37
C ALA B 626 -2.93 -18.75 -24.20
N LYS B 627 -2.79 -20.07 -24.19
CA LYS B 627 -2.11 -20.75 -23.09
C LYS B 627 -0.62 -20.91 -23.38
N ASP B 628 -0.05 -19.91 -24.05
CA ASP B 628 1.35 -19.96 -24.46
C ASP B 628 2.33 -19.84 -23.30
N HIS B 629 3.35 -20.68 -23.32
CA HIS B 629 4.34 -20.77 -22.25
C HIS B 629 5.36 -19.65 -22.36
N TYR B 630 5.46 -18.83 -21.31
CA TYR B 630 6.47 -17.78 -21.25
C TYR B 630 7.15 -17.81 -19.87
N TRP B 631 8.46 -18.04 -19.87
CA TRP B 631 9.19 -18.25 -18.63
C TRP B 631 10.61 -17.68 -18.74
N VAL B 632 11.47 -18.09 -17.82
CA VAL B 632 12.86 -17.69 -17.80
C VAL B 632 13.58 -18.16 -19.06
N PRO B 633 14.19 -17.22 -19.80
CA PRO B 633 14.87 -17.53 -21.06
C PRO B 633 16.21 -18.23 -20.86
N ALA B 634 16.83 -18.68 -21.95
CA ALA B 634 18.09 -19.40 -21.88
C ALA B 634 19.24 -18.59 -22.46
#